data_4FTV
#
_entry.id   4FTV
#
_cell.length_a   224.230
_cell.length_b   48.954
_cell.length_c   94.398
_cell.angle_alpha   90.000
_cell.angle_beta   89.620
_cell.angle_gamma   90.000
#
_symmetry.space_group_name_H-M   'C 1 2 1'
#
loop_
_entity.id
_entity.type
_entity.pdbx_description
1 polymer 'HLA class I histocompatibility antigen, A-2 alpha chain'
2 polymer Beta-2-microglobulin
3 polymer 'Protein Tax-1'
4 polymer 'A6 alpha chain'
5 polymer 'A6 beta chain'
6 non-polymer GLYCEROL
7 water water
#
loop_
_entity_poly.entity_id
_entity_poly.type
_entity_poly.pdbx_seq_one_letter_code
_entity_poly.pdbx_strand_id
1 'polypeptide(L)'
;GSHSMRYFFTSVSRPGRGEPRFIAVGYVDDTQFVRFDSDAASQRMEPRAPWIEQEGPEYWDGETRKVKAHSQTHRVDLGT
LRGYYNQSEAGSHTVQRMYGCDVGSDWRFLRGYHQYAYDGKDYIALKEDLRSWTAADMAAQTTKHKWEAAHVAEQLRAYL
EGTCVEWLRRYLENGKETLQRTDAPKTHMTHHAVSDHEATLRCWALSFYPAEITLTWQRDGEDQTQDTELVETRPAGDGT
FQKWAAVVVPSGQEQRYTCHVQHEGLPKPLTLRWE
;
A
2 'polypeptide(L)'
;MIQRTPKIQVYSRHPAENGKSNFLNCYVSGFHPSDIEVDLLKNGERIEKVEHSDLSFSKDWSFYLLYYTEFTPTEKDEYA
CRVNHVTLSQPKIVKWDRDM
;
B
3 'polypeptide(L)' LLFGYPVYV C
4 'polypeptide(L)'
;KEVEQNSGPLSVPEGAIASLNCTYSDRGSQSFFWYRQYSGKSPELIMSIYSNGDKEDGRFTAQLNKASQYVSLLIRDSQP
SDSATYLCAVTTDSWGKLQFGAGTQVVVTPDIQNPDPAVYQLRDSKSSDKSVCLFTDFDSQTNVSQSKDSDVYITDKTVL
DMRSMDFKSNSAVAWSNKSDFACANAFNNSIIPEDTFFPS
;
D
5 'polypeptide(L)'
;NAGVTQTPKFQVLKTGQSMTLQCAQDMNHEYMSWYRQDPGMGLRLIHYSVGAGITDQGEVPNGYNVSRSTTEDFPLRLLS
AAPSQTSVYFCASRPGLMSAQPEQYFGPGTRLTVTEDLKNVFPPEVAVFEPSEAEISHTQKATLVCLATGFYPDHVELSW
WVNGKEVHSGVSTDPQPLKEQPALNDSRYALSSRLRVSATFWQDPRNHFRCQVQFYGLSENDEWTQDRAKPVTQIVSAEA
WGRAD
;
E
#
# COMPACT_ATOMS: atom_id res chain seq x y z
N GLY A 1 12.05 -13.67 -29.03
CA GLY A 1 10.91 -12.75 -29.34
C GLY A 1 10.12 -12.38 -28.10
N SER A 2 8.89 -12.87 -28.01
CA SER A 2 7.99 -12.59 -26.89
C SER A 2 8.48 -13.23 -25.60
N HIS A 3 8.20 -12.56 -24.49
CA HIS A 3 8.47 -13.13 -23.18
C HIS A 3 7.22 -13.00 -22.31
N SER A 4 7.24 -13.68 -21.17
CA SER A 4 6.11 -13.65 -20.26
C SER A 4 6.56 -13.89 -18.83
N MET A 5 5.75 -13.42 -17.88
CA MET A 5 5.98 -13.74 -16.48
C MET A 5 4.67 -14.15 -15.87
N ARG A 6 4.58 -15.39 -15.39
CA ARG A 6 3.33 -15.93 -14.89
C ARG A 6 3.52 -16.46 -13.49
N TYR A 7 2.51 -16.24 -12.63
CA TYR A 7 2.49 -16.79 -11.28
C TYR A 7 1.32 -17.76 -11.14
N PHE A 8 1.57 -18.90 -10.49
CA PHE A 8 0.62 -19.99 -10.35
C PHE A 8 0.40 -20.27 -8.87
N PHE A 9 -0.87 -20.45 -8.47
CA PHE A 9 -1.22 -20.61 -7.06
C PHE A 9 -2.22 -21.74 -6.96
N THR A 10 -1.94 -22.69 -6.07
CA THR A 10 -2.87 -23.78 -5.85
C THR A 10 -3.15 -23.89 -4.38
N SER A 11 -4.44 -23.88 -4.02
CA SER A 11 -4.81 -24.10 -2.65
C SER A 11 -5.78 -25.23 -2.51
N VAL A 12 -5.39 -26.26 -1.75
CA VAL A 12 -6.27 -27.42 -1.53
C VAL A 12 -6.60 -27.64 -0.04
N SER A 13 -7.89 -27.77 0.26
CA SER A 13 -8.37 -27.88 1.62
C SER A 13 -8.16 -29.27 2.20
N ARG A 14 -7.99 -29.35 3.52
CA ARG A 14 -7.74 -30.65 4.18
C ARG A 14 -8.77 -30.94 5.28
N PRO A 15 -9.99 -31.38 4.90
CA PRO A 15 -11.08 -31.63 5.85
C PRO A 15 -10.68 -32.55 7.00
N GLY A 16 -10.69 -31.97 8.20
CA GLY A 16 -10.30 -32.66 9.44
C GLY A 16 -8.82 -32.93 9.58
N ARG A 17 -8.02 -32.29 8.74
CA ARG A 17 -6.57 -32.35 8.79
C ARG A 17 -6.02 -30.92 8.69
N GLY A 18 -6.74 -29.98 9.31
CA GLY A 18 -6.24 -28.63 9.56
C GLY A 18 -6.20 -27.64 8.42
N GLU A 19 -5.15 -26.83 8.36
CA GLU A 19 -5.01 -25.74 7.39
C GLU A 19 -4.82 -26.23 5.94
N PRO A 20 -5.18 -25.40 4.94
CA PRO A 20 -4.97 -25.88 3.57
C PRO A 20 -3.52 -25.95 3.11
N ARG A 21 -3.25 -26.79 2.12
CA ARG A 21 -1.98 -26.82 1.45
C ARG A 21 -1.99 -25.65 0.49
N PHE A 22 -0.92 -24.88 0.49
CA PHE A 22 -0.78 -23.75 -0.44
C PHE A 22 0.57 -23.83 -1.09
N ILE A 23 0.59 -23.80 -2.42
CA ILE A 23 1.82 -23.80 -3.19
C ILE A 23 1.80 -22.62 -4.16
N ALA A 24 2.86 -21.80 -4.15
CA ALA A 24 2.98 -20.73 -5.14
C ALA A 24 4.27 -20.83 -5.90
N VAL A 25 4.17 -20.64 -7.22
CA VAL A 25 5.30 -20.84 -8.13
C VAL A 25 5.30 -19.64 -9.08
N GLY A 26 6.48 -19.13 -9.43
CA GLY A 26 6.58 -18.08 -10.44
C GLY A 26 7.50 -18.43 -11.58
N TYR A 27 7.07 -18.12 -12.79
CA TYR A 27 7.85 -18.40 -13.98
C TYR A 27 8.19 -17.13 -14.72
N VAL A 28 9.33 -17.15 -15.40
CA VAL A 28 9.59 -16.24 -16.50
C VAL A 28 9.81 -17.16 -17.69
N ASP A 29 8.93 -17.05 -18.67
CA ASP A 29 8.76 -18.03 -19.75
C ASP A 29 8.64 -19.48 -19.22
N ASP A 30 9.65 -20.29 -19.47
CA ASP A 30 9.57 -21.69 -19.06
C ASP A 30 10.59 -22.02 -17.97
N THR A 31 10.99 -20.98 -17.24
CA THR A 31 11.93 -21.13 -16.14
C THR A 31 11.27 -20.69 -14.86
N GLN A 32 11.19 -21.61 -13.90
CA GLN A 32 10.75 -21.29 -12.55
C GLN A 32 11.83 -20.48 -11.84
N PHE A 33 11.43 -19.35 -11.25
CA PHE A 33 12.36 -18.53 -10.45
C PHE A 33 12.04 -18.40 -8.96
N VAL A 34 10.79 -18.51 -8.57
CA VAL A 34 10.45 -18.43 -7.15
C VAL A 34 9.54 -19.57 -6.72
N ARG A 35 9.53 -19.89 -5.43
CA ARG A 35 8.56 -20.82 -4.87
C ARG A 35 8.13 -20.50 -3.43
N PHE A 36 6.90 -20.88 -3.10
CA PHE A 36 6.44 -20.97 -1.73
C PHE A 36 5.66 -22.27 -1.64
N ASP A 37 5.92 -23.06 -0.61
CA ASP A 37 5.09 -24.20 -0.28
C ASP A 37 4.80 -24.07 1.21
N SER A 38 3.51 -24.10 1.55
CA SER A 38 3.06 -24.13 2.95
C SER A 38 3.60 -25.30 3.80
N ASP A 39 4.18 -26.31 3.14
CA ASP A 39 4.67 -27.52 3.79
C ASP A 39 6.20 -27.58 3.86
N ALA A 40 6.85 -26.58 3.29
CA ALA A 40 8.30 -26.49 3.31
C ALA A 40 8.82 -25.98 4.66
N ALA A 41 10.14 -26.04 4.84
CA ALA A 41 10.82 -25.63 6.06
C ALA A 41 10.72 -24.15 6.36
N SER A 42 11.11 -23.33 5.39
CA SER A 42 11.48 -21.94 5.63
C SER A 42 10.35 -20.96 5.90
N GLN A 43 9.18 -21.26 5.33
CA GLN A 43 7.97 -20.40 5.39
C GLN A 43 8.11 -19.05 4.64
N ARG A 44 9.01 -19.01 3.65
CA ARG A 44 9.27 -17.79 2.89
C ARG A 44 9.17 -18.07 1.40
N MET A 45 9.11 -17.01 0.60
CA MET A 45 9.37 -17.11 -0.82
C MET A 45 10.85 -17.46 -0.96
N GLU A 46 11.11 -18.52 -1.73
CA GLU A 46 12.45 -19.08 -1.91
C GLU A 46 12.90 -18.88 -3.35
N PRO A 47 14.21 -18.66 -3.58
CA PRO A 47 14.72 -18.56 -4.95
C PRO A 47 14.81 -19.92 -5.67
N ARG A 48 14.60 -19.92 -6.99
CA ARG A 48 14.70 -21.14 -7.83
C ARG A 48 15.54 -20.96 -9.11
N ALA A 49 16.07 -19.75 -9.29
CA ALA A 49 16.96 -19.46 -10.40
C ALA A 49 18.13 -18.64 -9.86
N PRO A 50 19.35 -18.84 -10.41
CA PRO A 50 20.53 -18.12 -9.90
C PRO A 50 20.44 -16.58 -9.97
N TRP A 51 19.86 -16.08 -11.05
CA TRP A 51 19.76 -14.64 -11.31
C TRP A 51 18.80 -13.86 -10.42
N ILE A 52 18.05 -14.57 -9.60
CA ILE A 52 17.10 -13.93 -8.72
C ILE A 52 17.63 -13.88 -7.28
N GLU A 53 18.72 -14.60 -7.02
CA GLU A 53 19.38 -14.60 -5.71
C GLU A 53 20.03 -13.25 -5.36
N GLN A 54 20.34 -12.46 -6.38
CA GLN A 54 20.92 -11.11 -6.23
C GLN A 54 19.92 -10.03 -5.78
N GLU A 55 18.65 -10.38 -5.65
CA GLU A 55 17.68 -9.50 -5.01
C GLU A 55 17.95 -9.50 -3.51
N GLY A 56 17.84 -8.32 -2.91
CA GLY A 56 18.21 -8.14 -1.51
C GLY A 56 17.14 -8.56 -0.52
N PRO A 57 17.38 -8.30 0.78
CA PRO A 57 16.51 -8.74 1.86
C PRO A 57 15.12 -8.13 1.84
N GLU A 58 14.97 -6.95 1.25
CA GLU A 58 13.66 -6.30 1.13
C GLU A 58 12.74 -6.99 0.12
N TYR A 59 13.33 -7.58 -0.92
CA TYR A 59 12.58 -8.30 -1.94
C TYR A 59 11.93 -9.53 -1.35
N TRP A 60 12.70 -10.29 -0.59
CA TRP A 60 12.24 -11.55 -0.05
C TRP A 60 11.25 -11.35 1.08
N ASP A 61 11.49 -10.35 1.93
CA ASP A 61 10.55 -9.94 2.98
C ASP A 61 9.22 -9.53 2.38
N GLY A 62 9.28 -8.78 1.28
CA GLY A 62 8.11 -8.30 0.57
C GLY A 62 7.33 -9.42 -0.07
N GLU A 63 8.02 -10.28 -0.83
CA GLU A 63 7.39 -11.42 -1.48
C GLU A 63 6.87 -12.47 -0.51
N THR A 64 7.48 -12.61 0.66
CA THR A 64 6.97 -13.51 1.71
C THR A 64 5.63 -13.01 2.23
N ARG A 65 5.55 -11.71 2.50
CA ARG A 65 4.35 -11.07 3.01
C ARG A 65 3.19 -11.21 2.03
N LYS A 66 3.42 -10.76 0.80
CA LYS A 66 2.43 -10.83 -0.26
C LYS A 66 1.95 -12.25 -0.55
N VAL A 67 2.87 -13.23 -0.58
CA VAL A 67 2.47 -14.62 -0.83
C VAL A 67 1.64 -15.21 0.32
N LYS A 68 1.87 -14.71 1.54
CA LYS A 68 1.10 -15.13 2.68
C LYS A 68 -0.29 -14.49 2.65
N ALA A 69 -0.38 -13.26 2.13
CA ALA A 69 -1.66 -12.59 1.95
C ALA A 69 -2.52 -13.37 0.94
N HIS A 70 -1.95 -13.68 -0.24
CA HIS A 70 -2.56 -14.58 -1.21
C HIS A 70 -3.11 -15.84 -0.55
N SER A 71 -2.23 -16.53 0.17
CA SER A 71 -2.54 -17.75 0.91
C SER A 71 -3.75 -17.57 1.84
N GLN A 72 -3.76 -16.44 2.54
CA GLN A 72 -4.92 -16.09 3.37
C GLN A 72 -6.26 -15.87 2.63
N THR A 73 -6.23 -15.29 1.42
CA THR A 73 -7.48 -15.09 0.69
C THR A 73 -8.02 -16.44 0.26
N HIS A 74 -7.12 -17.24 -0.30
CA HIS A 74 -7.34 -18.65 -0.59
C HIS A 74 -7.87 -19.51 0.57
N ARG A 75 -7.35 -19.30 1.79
CA ARG A 75 -7.83 -20.05 2.98
C ARG A 75 -9.32 -19.74 3.22
N VAL A 76 -9.67 -18.46 3.09
CA VAL A 76 -11.04 -17.99 3.26
C VAL A 76 -11.88 -18.39 2.04
N ASP A 77 -11.30 -18.28 0.83
CA ASP A 77 -11.94 -18.65 -0.43
C ASP A 77 -12.52 -20.07 -0.42
N LEU A 78 -11.77 -21.01 0.19
CA LEU A 78 -12.22 -22.38 0.31
C LEU A 78 -13.47 -22.47 1.18
N GLY A 79 -13.49 -21.74 2.28
CA GLY A 79 -14.68 -21.70 3.13
C GLY A 79 -15.85 -20.98 2.49
N THR A 80 -15.55 -19.92 1.73
CA THR A 80 -16.55 -19.11 1.05
C THR A 80 -17.29 -19.89 -0.06
N LEU A 81 -16.51 -20.50 -0.96
CA LEU A 81 -17.02 -21.32 -2.06
C LEU A 81 -17.73 -22.57 -1.57
N ARG A 82 -17.31 -23.09 -0.42
CA ARG A 82 -17.96 -24.24 0.19
C ARG A 82 -19.40 -23.85 0.58
N GLY A 83 -19.50 -22.67 1.17
CA GLY A 83 -20.78 -22.05 1.49
C GLY A 83 -21.58 -21.75 0.25
N TYR A 84 -20.91 -21.22 -0.77
CA TYR A 84 -21.53 -20.77 -2.02
C TYR A 84 -22.27 -21.90 -2.75
N TYR A 85 -21.69 -23.10 -2.73
CA TYR A 85 -22.24 -24.25 -3.42
C TYR A 85 -22.91 -25.26 -2.48
N ASN A 86 -23.15 -24.83 -1.24
CA ASN A 86 -23.66 -25.69 -0.14
C ASN A 86 -22.99 -27.07 0.02
N GLN A 87 -21.66 -27.10 -0.12
CA GLN A 87 -20.94 -28.37 -0.03
C GLN A 87 -20.65 -28.73 1.41
N SER A 88 -20.51 -30.03 1.68
CA SER A 88 -20.30 -30.51 3.05
C SER A 88 -18.89 -30.21 3.56
N GLU A 89 -18.71 -30.29 4.87
CA GLU A 89 -17.39 -30.03 5.44
C GLU A 89 -16.39 -31.19 5.26
N ALA A 90 -16.90 -32.33 4.77
CA ALA A 90 -16.18 -33.61 4.70
C ALA A 90 -15.32 -33.86 3.46
N GLY A 91 -15.21 -32.89 2.56
CA GLY A 91 -14.48 -33.11 1.31
C GLY A 91 -13.42 -32.10 0.99
N SER A 92 -12.42 -32.55 0.25
CA SER A 92 -11.30 -31.72 -0.14
C SER A 92 -11.58 -31.04 -1.47
N HIS A 93 -11.42 -29.73 -1.50
CA HIS A 93 -11.68 -28.95 -2.70
C HIS A 93 -10.45 -28.12 -3.06
N THR A 94 -10.39 -27.65 -4.32
CA THR A 94 -9.16 -27.05 -4.84
C THR A 94 -9.43 -25.69 -5.47
N VAL A 95 -8.59 -24.72 -5.15
CA VAL A 95 -8.63 -23.42 -5.78
C VAL A 95 -7.37 -23.19 -6.59
N GLN A 96 -7.51 -22.74 -7.84
CA GLN A 96 -6.36 -22.39 -8.63
C GLN A 96 -6.46 -20.96 -9.09
N ARG A 97 -5.34 -20.24 -9.10
CA ARG A 97 -5.28 -18.87 -9.62
C ARG A 97 -4.02 -18.77 -10.43
N MET A 98 -4.15 -18.16 -11.60
CA MET A 98 -2.99 -17.82 -12.40
C MET A 98 -3.14 -16.41 -12.94
N TYR A 99 -2.15 -15.57 -12.66
CA TYR A 99 -2.04 -14.30 -13.35
C TYR A 99 -0.67 -14.09 -14.02
N GLY A 100 -0.57 -13.06 -14.85
CA GLY A 100 0.69 -12.71 -15.50
C GLY A 100 0.59 -11.80 -16.70
N CYS A 101 1.71 -11.55 -17.37
CA CYS A 101 1.73 -10.62 -18.50
C CYS A 101 2.66 -11.04 -19.63
N ASP A 102 2.28 -10.73 -20.87
CA ASP A 102 3.14 -10.99 -22.03
C ASP A 102 3.72 -9.68 -22.54
N VAL A 103 4.98 -9.70 -22.98
CA VAL A 103 5.57 -8.57 -23.69
C VAL A 103 6.02 -9.00 -25.08
N GLY A 104 6.17 -8.04 -25.99
CA GLY A 104 6.61 -8.35 -27.35
C GLY A 104 8.12 -8.42 -27.49
N SER A 105 8.57 -8.42 -28.75
CA SER A 105 10.00 -8.42 -29.07
C SER A 105 10.67 -7.09 -28.74
N ASP A 106 9.86 -6.02 -28.70
CA ASP A 106 10.25 -4.68 -28.26
C ASP A 106 10.22 -4.48 -26.74
N TRP A 107 9.82 -5.56 -26.03
CA TRP A 107 9.68 -5.65 -24.56
C TRP A 107 8.56 -4.80 -23.95
N ARG A 108 7.82 -4.06 -24.78
CA ARG A 108 6.67 -3.26 -24.35
C ARG A 108 5.47 -4.17 -24.12
N PHE A 109 4.49 -3.68 -23.36
CA PHE A 109 3.30 -4.46 -22.95
C PHE A 109 2.47 -5.00 -24.13
N LEU A 110 2.07 -6.26 -24.05
CA LEU A 110 1.32 -6.92 -25.09
C LEU A 110 -0.05 -7.42 -24.60
N ARG A 111 -0.06 -8.06 -23.43
CA ARG A 111 -1.22 -8.81 -22.94
C ARG A 111 -1.09 -8.99 -21.42
N GLY A 112 -2.22 -8.96 -20.73
CA GLY A 112 -2.28 -9.27 -19.28
C GLY A 112 -3.50 -10.12 -18.93
N TYR A 113 -3.38 -10.98 -17.93
CA TYR A 113 -4.45 -11.94 -17.62
C TYR A 113 -4.48 -12.27 -16.12
N HIS A 114 -5.63 -12.73 -15.63
CA HIS A 114 -5.85 -13.18 -14.27
C HIS A 114 -7.08 -14.08 -14.30
N GLN A 115 -6.85 -15.38 -14.19
CA GLN A 115 -7.95 -16.33 -14.14
C GLN A 115 -7.97 -17.12 -12.86
N TYR A 116 -9.13 -17.70 -12.56
CA TYR A 116 -9.37 -18.32 -11.29
C TYR A 116 -10.20 -19.57 -11.48
N ALA A 117 -9.76 -20.68 -10.89
CA ALA A 117 -10.50 -21.94 -10.97
C ALA A 117 -10.94 -22.49 -9.62
N TYR A 118 -12.05 -23.21 -9.68
CA TYR A 118 -12.55 -23.94 -8.56
C TYR A 118 -12.83 -25.34 -9.00
N ASP A 119 -12.26 -26.29 -8.25
CA ASP A 119 -12.25 -27.71 -8.59
C ASP A 119 -11.91 -28.09 -10.03
N GLY A 120 -10.93 -27.40 -10.62
CA GLY A 120 -10.42 -27.76 -11.92
C GLY A 120 -11.23 -27.23 -13.08
N LYS A 121 -12.14 -26.30 -12.81
CA LYS A 121 -12.87 -25.65 -13.90
C LYS A 121 -13.01 -24.17 -13.65
N ASP A 122 -13.18 -23.41 -14.73
CA ASP A 122 -13.27 -21.93 -14.71
C ASP A 122 -14.24 -21.39 -13.68
N TYR A 123 -13.90 -20.25 -13.12
CA TYR A 123 -14.74 -19.66 -12.13
C TYR A 123 -14.94 -18.20 -12.51
N ILE A 124 -13.86 -17.43 -12.51
CA ILE A 124 -13.91 -16.04 -12.91
C ILE A 124 -12.59 -15.76 -13.60
N ALA A 125 -12.59 -14.87 -14.57
CA ALA A 125 -11.39 -14.50 -15.29
C ALA A 125 -11.52 -13.04 -15.74
N LEU A 126 -10.42 -12.30 -15.62
CA LEU A 126 -10.33 -10.96 -16.16
C LEU A 126 -10.39 -11.00 -17.70
N LYS A 127 -11.25 -10.17 -18.29
CA LYS A 127 -11.41 -10.06 -19.76
C LYS A 127 -10.18 -9.39 -20.35
N GLU A 128 -9.99 -9.54 -21.66
CA GLU A 128 -8.87 -8.96 -22.42
C GLU A 128 -8.57 -7.49 -22.10
N ASP A 129 -9.64 -6.69 -21.96
CA ASP A 129 -9.57 -5.24 -21.80
C ASP A 129 -9.13 -4.75 -20.42
N LEU A 130 -8.99 -5.70 -19.48
CA LEU A 130 -8.57 -5.50 -18.07
C LEU A 130 -9.52 -4.64 -17.24
N ARG A 131 -10.77 -4.54 -17.70
CA ARG A 131 -11.78 -3.70 -17.04
C ARG A 131 -12.99 -4.52 -16.61
N SER A 132 -13.14 -5.71 -17.18
CA SER A 132 -14.36 -6.46 -17.02
C SER A 132 -14.08 -7.90 -16.64
N TRP A 133 -15.10 -8.56 -16.12
CA TRP A 133 -14.99 -9.95 -15.67
C TRP A 133 -15.94 -10.92 -16.39
N THR A 134 -15.47 -12.13 -16.65
CA THR A 134 -16.33 -13.25 -17.08
C THR A 134 -16.61 -14.16 -15.89
N ALA A 135 -17.88 -14.27 -15.49
CA ALA A 135 -18.28 -15.16 -14.42
C ALA A 135 -18.77 -16.47 -15.02
N ALA A 136 -18.32 -17.59 -14.46
CA ALA A 136 -18.66 -18.89 -15.02
C ALA A 136 -20.04 -19.42 -14.63
N ASP A 137 -20.55 -19.05 -13.45
CA ASP A 137 -21.91 -19.43 -13.06
C ASP A 137 -22.57 -18.45 -12.10
N MET A 138 -23.75 -18.85 -11.62
CA MET A 138 -24.59 -18.03 -10.73
C MET A 138 -23.92 -17.68 -9.45
N ALA A 139 -23.13 -18.62 -8.91
CA ALA A 139 -22.27 -18.38 -7.77
C ALA A 139 -21.23 -17.35 -8.19
N ALA A 140 -20.36 -17.69 -9.15
CA ALA A 140 -19.34 -16.76 -9.67
C ALA A 140 -19.73 -15.31 -9.97
N GLN A 141 -20.98 -15.12 -10.37
CA GLN A 141 -21.62 -13.82 -10.51
C GLN A 141 -21.62 -12.99 -9.22
N THR A 142 -21.78 -13.64 -8.06
CA THR A 142 -21.68 -12.97 -6.74
C THR A 142 -20.27 -12.42 -6.49
N THR A 143 -19.25 -13.22 -6.87
CA THR A 143 -17.85 -12.87 -6.72
C THR A 143 -17.52 -11.64 -7.57
N LYS A 144 -18.17 -11.59 -8.73
CA LYS A 144 -17.99 -10.56 -9.72
C LYS A 144 -18.54 -9.20 -9.28
N HIS A 145 -19.70 -9.21 -8.62
CA HIS A 145 -20.31 -7.99 -8.09
C HIS A 145 -19.44 -7.46 -6.95
N LYS A 146 -18.95 -8.39 -6.14
CA LYS A 146 -18.06 -8.08 -5.03
C LYS A 146 -16.73 -7.50 -5.46
N TRP A 147 -16.19 -8.00 -6.58
CA TRP A 147 -14.91 -7.56 -7.11
C TRP A 147 -15.03 -6.24 -7.91
N GLU A 148 -16.25 -5.91 -8.30
CA GLU A 148 -16.53 -4.61 -8.88
C GLU A 148 -16.48 -3.57 -7.77
N ALA A 149 -17.11 -3.88 -6.63
CA ALA A 149 -17.12 -3.01 -5.45
C ALA A 149 -15.75 -2.92 -4.77
N ALA A 150 -14.94 -3.96 -4.93
CA ALA A 150 -13.60 -4.01 -4.37
C ALA A 150 -12.53 -3.36 -5.25
N HIS A 151 -12.91 -2.97 -6.47
CA HIS A 151 -12.02 -2.40 -7.53
C HIS A 151 -10.81 -3.29 -7.88
N VAL A 152 -11.01 -4.60 -7.89
CA VAL A 152 -9.92 -5.55 -8.20
C VAL A 152 -9.31 -5.34 -9.58
N ALA A 153 -10.18 -5.22 -10.60
CA ALA A 153 -9.81 -5.02 -11.99
C ALA A 153 -8.85 -3.85 -12.19
N GLU A 154 -9.19 -2.72 -11.57
CA GLU A 154 -8.39 -1.49 -11.58
C GLU A 154 -6.97 -1.69 -11.03
N GLN A 155 -6.86 -2.43 -9.94
CA GLN A 155 -5.56 -2.63 -9.33
C GLN A 155 -4.75 -3.69 -10.07
N LEU A 156 -5.47 -4.64 -10.68
CA LEU A 156 -4.82 -5.62 -11.53
C LEU A 156 -4.32 -4.97 -12.80
N ARG A 157 -5.07 -4.03 -13.36
CA ARG A 157 -4.70 -3.35 -14.60
C ARG A 157 -3.46 -2.48 -14.42
N ALA A 158 -3.32 -1.88 -13.23
CA ALA A 158 -2.13 -1.09 -12.87
C ALA A 158 -0.90 -1.98 -12.70
N TYR A 159 -1.12 -3.19 -12.20
CA TYR A 159 -0.07 -4.17 -12.02
C TYR A 159 0.38 -4.77 -13.35
N LEU A 160 -0.59 -5.34 -14.09
CA LEU A 160 -0.33 -6.05 -15.34
C LEU A 160 0.26 -5.19 -16.46
N GLU A 161 -0.24 -3.95 -16.60
CA GLU A 161 0.32 -2.99 -17.58
C GLU A 161 1.57 -2.24 -17.09
N GLY A 162 1.81 -2.23 -15.77
CA GLY A 162 2.92 -1.47 -15.21
C GLY A 162 3.96 -2.33 -14.54
N THR A 163 3.67 -2.75 -13.31
CA THR A 163 4.60 -3.44 -12.42
C THR A 163 5.01 -4.85 -12.91
N CYS A 164 4.07 -5.55 -13.53
CA CYS A 164 4.34 -6.88 -14.09
C CYS A 164 5.37 -6.81 -15.22
N VAL A 165 5.25 -5.80 -16.07
CA VAL A 165 6.17 -5.66 -17.19
C VAL A 165 7.44 -4.94 -16.80
N GLU A 166 7.40 -4.17 -15.71
CA GLU A 166 8.58 -3.50 -15.20
C GLU A 166 9.51 -4.52 -14.57
N TRP A 167 8.93 -5.50 -13.87
CA TRP A 167 9.74 -6.49 -13.18
C TRP A 167 10.24 -7.61 -14.09
N LEU A 168 9.41 -8.01 -15.08
CA LEU A 168 9.80 -8.95 -16.13
C LEU A 168 11.06 -8.52 -16.87
N ARG A 169 11.11 -7.23 -17.21
CA ARG A 169 12.26 -6.61 -17.89
C ARG A 169 13.51 -6.64 -17.02
N ARG A 170 13.33 -6.42 -15.71
CA ARG A 170 14.43 -6.46 -14.75
C ARG A 170 15.00 -7.88 -14.70
N TYR A 171 14.09 -8.84 -14.64
CA TYR A 171 14.42 -10.26 -14.63
C TYR A 171 15.13 -10.69 -15.92
N LEU A 172 14.61 -10.25 -17.06
CA LEU A 172 15.14 -10.61 -18.37
C LEU A 172 16.55 -10.12 -18.65
N GLU A 173 16.94 -8.99 -18.04
CA GLU A 173 18.32 -8.54 -18.19
C GLU A 173 19.24 -9.06 -17.09
N ASN A 174 18.68 -9.39 -15.93
CA ASN A 174 19.47 -10.01 -14.86
C ASN A 174 19.86 -11.45 -15.16
N GLY A 175 19.01 -12.14 -15.92
CA GLY A 175 19.30 -13.49 -16.37
C GLY A 175 19.47 -13.56 -17.87
N LYS A 176 20.35 -12.71 -18.40
CA LYS A 176 20.71 -12.67 -19.82
C LYS A 176 21.11 -14.03 -20.36
N GLU A 177 22.04 -14.68 -19.66
CA GLU A 177 22.61 -15.99 -20.03
C GLU A 177 21.56 -17.09 -20.05
N THR A 178 20.60 -17.00 -19.12
CA THR A 178 19.60 -18.03 -18.93
C THR A 178 18.36 -17.79 -19.79
N LEU A 179 17.69 -16.67 -19.57
CA LEU A 179 16.37 -16.41 -20.14
C LEU A 179 16.36 -16.01 -21.62
N GLN A 180 17.45 -15.39 -22.08
CA GLN A 180 17.53 -14.99 -23.48
C GLN A 180 18.33 -15.97 -24.33
N ARG A 181 18.67 -17.12 -23.73
CA ARG A 181 19.23 -18.25 -24.48
C ARG A 181 18.12 -18.85 -25.32
N THR A 182 18.50 -19.39 -26.46
CA THR A 182 17.59 -20.18 -27.23
C THR A 182 18.34 -21.45 -27.61
N ASP A 183 17.76 -22.59 -27.24
CA ASP A 183 18.44 -23.86 -27.41
C ASP A 183 17.81 -24.67 -28.50
N ALA A 184 18.60 -24.86 -29.56
CA ALA A 184 18.24 -25.70 -30.70
C ALA A 184 18.03 -27.15 -30.26
N PRO A 185 17.04 -27.84 -30.84
CA PRO A 185 16.85 -29.26 -30.60
C PRO A 185 17.98 -30.10 -31.17
N LYS A 186 18.36 -31.15 -30.44
CA LYS A 186 19.17 -32.22 -31.00
C LYS A 186 18.18 -33.25 -31.55
N THR A 187 18.32 -33.55 -32.84
CA THR A 187 17.36 -34.43 -33.49
C THR A 187 18.01 -35.72 -34.01
N HIS A 188 17.26 -36.83 -33.88
CA HIS A 188 17.57 -38.11 -34.52
C HIS A 188 16.30 -38.93 -34.69
N MET A 189 16.33 -39.94 -35.54
CA MET A 189 15.16 -40.79 -35.77
C MET A 189 15.47 -42.24 -35.47
N THR A 190 14.50 -42.98 -34.92
CA THR A 190 14.68 -44.41 -34.65
C THR A 190 13.74 -45.30 -35.45
N HIS A 191 14.10 -46.58 -35.56
CA HIS A 191 13.32 -47.57 -36.27
C HIS A 191 13.12 -48.78 -35.37
N HIS A 192 11.85 -49.12 -35.13
CA HIS A 192 11.51 -50.30 -34.34
C HIS A 192 10.35 -51.06 -34.98
N ALA A 193 10.70 -52.06 -35.79
CA ALA A 193 9.70 -52.93 -36.41
C ALA A 193 9.16 -53.88 -35.35
N VAL A 194 7.91 -53.63 -34.96
CA VAL A 194 7.26 -54.45 -33.94
C VAL A 194 6.75 -55.78 -34.48
N SER A 195 6.50 -55.84 -35.79
CA SER A 195 6.03 -57.06 -36.43
C SER A 195 6.69 -57.26 -37.80
N ASP A 196 6.23 -58.27 -38.55
CA ASP A 196 6.79 -58.60 -39.87
C ASP A 196 6.12 -57.83 -40.99
N HIS A 197 4.99 -57.21 -40.70
CA HIS A 197 4.18 -56.51 -41.70
C HIS A 197 4.26 -54.99 -41.57
N GLU A 198 4.43 -54.50 -40.35
CA GLU A 198 4.44 -53.06 -40.09
C GLU A 198 5.72 -52.59 -39.36
N ALA A 199 5.99 -51.28 -39.43
CA ALA A 199 7.16 -50.67 -38.80
C ALA A 199 6.82 -49.33 -38.14
N THR A 200 7.56 -48.98 -37.08
CA THR A 200 7.31 -47.74 -36.33
C THR A 200 8.50 -46.77 -36.35
N LEU A 201 8.31 -45.67 -37.07
CA LEU A 201 9.31 -44.61 -37.15
C LEU A 201 9.06 -43.57 -36.08
N ARG A 202 10.09 -43.26 -35.31
CA ARG A 202 9.96 -42.33 -34.17
C ARG A 202 10.94 -41.18 -34.24
N CYS A 203 10.41 -40.00 -34.56
CA CYS A 203 11.19 -38.78 -34.64
C CYS A 203 11.46 -38.27 -33.24
N TRP A 204 12.68 -37.82 -32.96
CA TRP A 204 12.99 -37.29 -31.62
C TRP A 204 13.41 -35.83 -31.63
N ALA A 205 13.03 -35.10 -30.58
CA ALA A 205 13.59 -33.77 -30.34
C ALA A 205 14.00 -33.65 -28.88
N LEU A 206 15.28 -33.39 -28.66
CA LEU A 206 15.89 -33.39 -27.33
C LEU A 206 16.74 -32.14 -27.11
N SER A 207 16.92 -31.79 -25.82
CA SER A 207 17.75 -30.66 -25.35
C SER A 207 17.37 -29.28 -25.92
N PHE A 208 16.10 -28.91 -25.76
CA PHE A 208 15.62 -27.63 -26.28
C PHE A 208 14.93 -26.73 -25.26
N TYR A 209 15.15 -25.43 -25.45
CA TYR A 209 14.50 -24.38 -24.71
C TYR A 209 14.23 -23.29 -25.75
N PRO A 210 13.01 -22.70 -25.73
CA PRO A 210 11.87 -22.93 -24.86
C PRO A 210 11.05 -24.14 -25.28
N ALA A 211 10.01 -24.46 -24.51
CA ALA A 211 9.24 -25.70 -24.67
C ALA A 211 8.36 -25.79 -25.92
N GLU A 212 8.05 -24.63 -26.52
CA GLU A 212 7.20 -24.58 -27.71
C GLU A 212 7.95 -25.23 -28.87
N ILE A 213 7.40 -26.35 -29.32
CA ILE A 213 7.94 -27.12 -30.42
C ILE A 213 6.76 -27.74 -31.16
N THR A 214 6.98 -28.04 -32.44
CA THR A 214 5.96 -28.60 -33.30
C THR A 214 6.61 -29.73 -34.09
N LEU A 215 6.05 -30.93 -33.93
CA LEU A 215 6.53 -32.11 -34.63
C LEU A 215 5.41 -32.71 -35.50
N THR A 216 5.58 -32.69 -36.82
CA THR A 216 4.54 -33.25 -37.73
C THR A 216 5.02 -34.36 -38.63
N TRP A 217 4.10 -35.29 -38.90
CA TRP A 217 4.34 -36.34 -39.86
C TRP A 217 3.68 -36.09 -41.21
N GLN A 218 4.19 -36.79 -42.22
CA GLN A 218 3.93 -36.44 -43.61
C GLN A 218 4.28 -37.64 -44.46
N ARG A 219 3.50 -37.87 -45.51
CA ARG A 219 3.87 -38.84 -46.53
C ARG A 219 3.89 -38.21 -47.92
N ASP A 220 5.11 -38.03 -48.45
CA ASP A 220 5.41 -37.40 -49.76
C ASP A 220 4.82 -35.98 -49.92
N GLY A 221 4.92 -35.18 -48.86
CA GLY A 221 4.45 -33.79 -48.87
C GLY A 221 3.16 -33.51 -48.13
N GLU A 222 2.15 -34.36 -48.30
CA GLU A 222 0.85 -34.19 -47.65
C GLU A 222 0.88 -34.61 -46.17
N ASP A 223 0.26 -33.79 -45.32
CA ASP A 223 0.36 -33.94 -43.85
C ASP A 223 -0.41 -35.12 -43.24
N GLN A 224 0.30 -36.22 -43.03
CA GLN A 224 -0.27 -37.42 -42.38
C GLN A 224 -0.34 -37.26 -40.87
N THR A 225 -1.56 -37.29 -40.31
CA THR A 225 -1.75 -37.34 -38.86
C THR A 225 -2.72 -38.43 -38.41
N GLN A 226 -3.05 -39.34 -39.33
CA GLN A 226 -4.01 -40.41 -39.06
C GLN A 226 -3.43 -41.54 -38.18
N ASP A 227 -2.23 -42.01 -38.52
CA ASP A 227 -1.58 -43.12 -37.79
C ASP A 227 -0.50 -42.62 -36.81
N THR A 228 -0.84 -41.64 -35.97
CA THR A 228 0.18 -40.81 -35.31
C THR A 228 0.09 -40.66 -33.80
N GLU A 229 1.14 -41.11 -33.10
CA GLU A 229 1.29 -40.87 -31.65
C GLU A 229 2.28 -39.75 -31.37
N LEU A 230 1.84 -38.76 -30.59
CA LEU A 230 2.63 -37.61 -30.18
C LEU A 230 2.57 -37.43 -28.65
N VAL A 231 3.68 -37.65 -27.93
CA VAL A 231 3.69 -37.44 -26.46
C VAL A 231 3.69 -35.96 -26.07
N GLU A 232 3.19 -35.68 -24.86
CA GLU A 232 3.32 -34.36 -24.27
C GLU A 232 4.79 -34.01 -24.07
N THR A 233 5.12 -32.77 -24.42
CA THR A 233 6.43 -32.14 -24.18
C THR A 233 6.74 -32.24 -22.70
N ARG A 234 7.91 -32.80 -22.39
CA ARG A 234 8.28 -33.18 -21.02
C ARG A 234 9.62 -32.55 -20.65
N PRO A 235 9.81 -32.21 -19.36
CA PRO A 235 11.10 -31.62 -18.98
C PRO A 235 12.18 -32.66 -18.78
N ALA A 236 13.38 -32.37 -19.26
CA ALA A 236 14.51 -33.26 -19.06
C ALA A 236 15.01 -33.16 -17.61
N GLY A 237 14.84 -31.99 -17.00
CA GLY A 237 15.21 -31.78 -15.62
C GLY A 237 16.45 -30.90 -15.47
N ASP A 238 17.03 -30.50 -16.59
CA ASP A 238 18.23 -29.67 -16.60
C ASP A 238 17.95 -28.27 -17.11
N GLY A 239 16.67 -27.95 -17.24
CA GLY A 239 16.26 -26.71 -17.87
C GLY A 239 15.78 -26.87 -19.30
N THR A 240 16.23 -27.91 -20.01
CA THR A 240 15.75 -28.12 -21.38
C THR A 240 14.56 -29.06 -21.46
N PHE A 241 14.04 -29.24 -22.67
CA PHE A 241 12.82 -30.05 -22.90
C PHE A 241 13.00 -31.19 -23.90
N GLN A 242 12.05 -32.12 -23.90
CA GLN A 242 12.05 -33.28 -24.79
C GLN A 242 10.66 -33.52 -25.41
N LYS A 243 10.64 -34.02 -26.64
CA LYS A 243 9.40 -34.47 -27.29
C LYS A 243 9.68 -35.45 -28.41
N TRP A 244 8.93 -36.55 -28.44
CA TRP A 244 8.96 -37.43 -29.60
C TRP A 244 7.61 -37.50 -30.31
N ALA A 245 7.62 -38.02 -31.54
CA ALA A 245 6.41 -38.21 -32.34
C ALA A 245 6.60 -39.42 -33.24
N ALA A 246 5.53 -40.22 -33.42
CA ALA A 246 5.64 -41.51 -34.11
C ALA A 246 4.62 -41.74 -35.23
N VAL A 247 4.94 -42.69 -36.12
CA VAL A 247 3.99 -43.20 -37.10
C VAL A 247 4.04 -44.71 -37.22
N VAL A 248 2.87 -45.30 -37.44
CA VAL A 248 2.75 -46.72 -37.78
C VAL A 248 2.70 -46.84 -39.30
N VAL A 249 3.81 -47.30 -39.87
CA VAL A 249 4.03 -47.32 -41.30
C VAL A 249 3.96 -48.76 -41.82
N PRO A 250 3.14 -49.01 -42.87
CA PRO A 250 3.23 -50.24 -43.67
C PRO A 250 4.64 -50.34 -44.28
N SER A 251 5.40 -51.29 -43.75
CA SER A 251 6.86 -51.38 -43.93
C SER A 251 7.34 -51.59 -45.35
N GLY A 252 8.44 -50.94 -45.70
CA GLY A 252 8.94 -50.91 -47.07
C GLY A 252 8.67 -49.55 -47.70
N GLN A 253 7.88 -48.73 -47.02
CA GLN A 253 7.52 -47.39 -47.50
C GLN A 253 8.13 -46.28 -46.65
N GLU A 254 9.15 -46.62 -45.85
CA GLU A 254 9.78 -45.70 -44.89
C GLU A 254 10.50 -44.50 -45.51
N GLN A 255 10.94 -44.65 -46.77
CA GLN A 255 11.63 -43.60 -47.51
C GLN A 255 10.73 -42.41 -47.87
N ARG A 256 9.45 -42.66 -48.13
CA ARG A 256 8.51 -41.58 -48.46
C ARG A 256 7.68 -41.12 -47.24
N TYR A 257 8.35 -41.02 -46.10
CA TYR A 257 7.83 -40.39 -44.89
C TYR A 257 8.84 -39.37 -44.38
N THR A 258 8.37 -38.16 -44.09
CA THR A 258 9.22 -37.07 -43.59
C THR A 258 8.69 -36.48 -42.29
N CYS A 259 9.61 -36.10 -41.39
CA CYS A 259 9.29 -35.53 -40.08
C CYS A 259 9.72 -34.06 -39.97
N HIS A 260 8.77 -33.18 -39.65
CA HIS A 260 9.03 -31.72 -39.66
C HIS A 260 9.11 -31.06 -38.28
N VAL A 261 10.24 -30.38 -38.03
CA VAL A 261 10.57 -29.81 -36.71
C VAL A 261 10.59 -28.28 -36.70
N GLN A 262 9.69 -27.69 -35.93
CA GLN A 262 9.61 -26.23 -35.79
C GLN A 262 9.94 -25.78 -34.37
N HIS A 263 10.91 -24.87 -34.29
CA HIS A 263 11.41 -24.33 -33.03
C HIS A 263 12.08 -22.99 -33.30
N GLU A 264 12.06 -22.08 -32.34
CA GLU A 264 12.61 -20.73 -32.57
C GLU A 264 14.13 -20.63 -32.49
N GLY A 265 14.79 -21.68 -32.02
CA GLY A 265 16.25 -21.81 -32.04
C GLY A 265 16.78 -22.32 -33.39
N LEU A 266 15.88 -22.88 -34.19
CA LEU A 266 16.20 -23.30 -35.57
C LEU A 266 15.96 -22.16 -36.54
N PRO A 267 16.97 -21.83 -37.38
CA PRO A 267 16.87 -20.78 -38.40
C PRO A 267 15.90 -21.19 -39.51
N LYS A 268 16.23 -22.26 -40.22
CA LYS A 268 15.28 -22.93 -41.10
C LYS A 268 14.74 -24.17 -40.38
N PRO A 269 13.44 -24.52 -40.60
CA PRO A 269 12.86 -25.76 -40.08
C PRO A 269 13.51 -27.02 -40.65
N LEU A 270 13.51 -28.10 -39.87
CA LEU A 270 14.21 -29.32 -40.25
C LEU A 270 13.30 -30.40 -40.80
N THR A 271 13.77 -31.05 -41.87
CA THR A 271 13.14 -32.25 -42.41
C THR A 271 14.00 -33.44 -41.99
N LEU A 272 13.38 -34.56 -41.63
CA LEU A 272 14.13 -35.80 -41.39
C LEU A 272 13.61 -37.05 -42.09
N ARG A 273 14.56 -37.89 -42.53
CA ARG A 273 14.29 -39.05 -43.37
C ARG A 273 15.15 -40.24 -42.88
N TRP A 274 14.56 -41.43 -42.90
CA TRP A 274 15.29 -42.68 -42.61
C TRP A 274 15.66 -43.36 -43.93
N GLU A 275 16.79 -44.09 -43.94
CA GLU A 275 17.15 -44.96 -45.06
C GLU A 275 17.80 -46.28 -44.64
N MET B 1 -17.18 -30.82 -10.06
CA MET B 1 -15.98 -31.52 -9.50
C MET B 1 -15.34 -32.40 -10.59
N ILE B 2 -14.19 -31.95 -11.07
CA ILE B 2 -13.50 -32.56 -12.20
C ILE B 2 -12.49 -33.60 -11.69
N GLN B 3 -12.36 -34.73 -12.37
CA GLN B 3 -11.27 -35.67 -12.10
C GLN B 3 -10.55 -36.00 -13.41
N ARG B 4 -9.23 -36.03 -13.40
CA ARG B 4 -8.44 -36.31 -14.60
C ARG B 4 -7.36 -37.34 -14.28
N THR B 5 -7.31 -38.41 -15.08
CA THR B 5 -6.29 -39.46 -14.94
C THR B 5 -4.95 -38.92 -15.41
N PRO B 6 -3.89 -39.09 -14.59
CA PRO B 6 -2.54 -38.68 -14.96
C PRO B 6 -1.97 -39.43 -16.14
N LYS B 7 -1.10 -38.73 -16.88
CA LYS B 7 -0.30 -39.31 -17.94
C LYS B 7 1.13 -39.44 -17.40
N ILE B 8 1.66 -40.66 -17.46
CA ILE B 8 2.94 -40.96 -16.87
C ILE B 8 3.94 -41.25 -17.97
N GLN B 9 5.09 -40.59 -17.91
CA GLN B 9 6.20 -40.89 -18.80
C GLN B 9 7.43 -41.16 -17.92
N VAL B 10 8.04 -42.33 -18.11
CA VAL B 10 9.26 -42.69 -17.39
C VAL B 10 10.40 -42.71 -18.38
N TYR B 11 11.44 -41.95 -18.09
CA TYR B 11 12.50 -41.68 -19.05
C TYR B 11 13.75 -41.13 -18.38
N SER B 12 14.79 -40.95 -19.19
CA SER B 12 16.06 -40.44 -18.72
C SER B 12 16.37 -39.07 -19.29
N ARG B 13 17.14 -38.29 -18.53
CA ARG B 13 17.53 -36.92 -18.88
C ARG B 13 18.47 -36.88 -20.07
N HIS B 14 19.46 -37.77 -20.07
CA HIS B 14 20.40 -37.91 -21.16
C HIS B 14 20.20 -39.30 -21.75
N PRO B 15 20.64 -39.55 -23.01
CA PRO B 15 20.58 -40.92 -23.55
C PRO B 15 21.32 -41.93 -22.68
N ALA B 16 20.64 -43.02 -22.37
CA ALA B 16 21.13 -44.04 -21.44
C ALA B 16 22.32 -44.81 -21.97
N GLU B 17 23.49 -44.50 -21.43
CA GLU B 17 24.69 -45.32 -21.63
C GLU B 17 24.87 -46.16 -20.38
N ASN B 18 25.21 -47.44 -20.58
CA ASN B 18 25.40 -48.37 -19.47
C ASN B 18 26.65 -48.05 -18.65
N GLY B 19 26.45 -47.87 -17.34
CA GLY B 19 27.56 -47.60 -16.43
C GLY B 19 27.96 -46.14 -16.33
N LYS B 20 27.14 -45.26 -16.89
CA LYS B 20 27.36 -43.82 -16.82
C LYS B 20 26.30 -43.16 -15.94
N SER B 21 26.61 -41.99 -15.39
CA SER B 21 25.70 -41.31 -14.49
C SER B 21 24.62 -40.56 -15.27
N ASN B 22 23.40 -40.59 -14.75
CA ASN B 22 22.24 -40.04 -15.43
C ASN B 22 21.13 -39.71 -14.42
N PHE B 23 20.01 -39.18 -14.91
CA PHE B 23 18.88 -38.93 -14.07
C PHE B 23 17.67 -39.69 -14.63
N LEU B 24 16.87 -40.28 -13.76
CA LEU B 24 15.68 -41.01 -14.12
C LEU B 24 14.46 -40.18 -13.76
N ASN B 25 13.71 -39.79 -14.77
CA ASN B 25 12.55 -38.94 -14.60
C ASN B 25 11.29 -39.75 -14.63
N CYS B 26 10.33 -39.33 -13.80
CA CYS B 26 8.93 -39.76 -13.92
C CYS B 26 8.08 -38.49 -13.93
N TYR B 27 7.73 -38.05 -15.12
CA TYR B 27 6.88 -36.90 -15.30
C TYR B 27 5.42 -37.35 -15.34
N VAL B 28 4.68 -37.05 -14.27
CA VAL B 28 3.24 -37.20 -14.24
C VAL B 28 2.54 -35.88 -14.54
N SER B 29 1.57 -35.92 -15.45
CA SER B 29 0.93 -34.70 -15.92
C SER B 29 -0.52 -34.89 -16.25
N GLY B 30 -1.24 -33.77 -16.38
CA GLY B 30 -2.62 -33.79 -16.85
C GLY B 30 -3.61 -34.29 -15.84
N PHE B 31 -3.26 -34.26 -14.55
CA PHE B 31 -4.11 -34.83 -13.50
C PHE B 31 -4.87 -33.81 -12.69
N HIS B 32 -5.95 -34.28 -12.06
CA HIS B 32 -6.75 -33.51 -11.13
C HIS B 32 -7.56 -34.50 -10.30
N PRO B 33 -7.63 -34.31 -8.96
CA PRO B 33 -6.98 -33.30 -8.10
C PRO B 33 -5.50 -33.55 -7.87
N SER B 34 -4.86 -32.68 -7.09
CA SER B 34 -3.39 -32.71 -6.92
C SER B 34 -2.87 -33.85 -6.08
N ASP B 35 -3.72 -34.43 -5.24
CA ASP B 35 -3.36 -35.57 -4.38
CA ASP B 35 -3.35 -35.55 -4.39
C ASP B 35 -2.90 -36.76 -5.22
N ILE B 36 -1.59 -36.90 -5.36
CA ILE B 36 -1.00 -38.00 -6.12
C ILE B 36 0.14 -38.66 -5.32
N GLU B 37 0.20 -39.98 -5.34
CA GLU B 37 1.29 -40.73 -4.72
C GLU B 37 2.21 -41.21 -5.84
N VAL B 38 3.49 -40.84 -5.80
CA VAL B 38 4.46 -41.21 -6.84
C VAL B 38 5.74 -41.78 -6.22
N ASP B 39 6.08 -43.02 -6.56
CA ASP B 39 7.34 -43.58 -6.18
C ASP B 39 8.21 -44.12 -7.30
N LEU B 40 9.52 -43.91 -7.20
CA LEU B 40 10.45 -44.52 -8.12
C LEU B 40 10.94 -45.85 -7.56
N LEU B 41 11.09 -46.82 -8.46
CA LEU B 41 11.43 -48.19 -8.07
C LEU B 41 12.66 -48.70 -8.81
N LYS B 42 13.59 -49.30 -8.07
CA LYS B 42 14.73 -50.03 -8.63
C LYS B 42 14.58 -51.48 -8.22
N ASN B 43 14.38 -52.35 -9.21
CA ASN B 43 14.11 -53.79 -9.05
C ASN B 43 12.92 -54.10 -8.10
N GLY B 44 11.94 -53.21 -8.05
CA GLY B 44 10.80 -53.36 -7.15
C GLY B 44 10.90 -52.65 -5.81
N GLU B 45 12.12 -52.50 -5.29
CA GLU B 45 12.35 -51.76 -4.06
C GLU B 45 12.22 -50.25 -4.26
N ARG B 46 11.70 -49.57 -3.25
CA ARG B 46 11.47 -48.12 -3.28
C ARG B 46 12.78 -47.34 -3.17
N ILE B 47 12.94 -46.31 -4.00
CA ILE B 47 14.09 -45.42 -3.95
C ILE B 47 13.78 -44.21 -3.07
N GLU B 48 14.57 -44.05 -1.99
CA GLU B 48 14.38 -42.95 -1.02
C GLU B 48 14.79 -41.59 -1.56
N LYS B 49 15.95 -41.52 -2.20
CA LYS B 49 16.52 -40.24 -2.64
C LYS B 49 15.90 -39.75 -3.95
N VAL B 50 14.63 -39.37 -3.89
CA VAL B 50 13.91 -38.86 -5.05
C VAL B 50 13.52 -37.41 -4.80
N GLU B 51 13.96 -36.51 -5.66
CA GLU B 51 13.49 -35.11 -5.66
C GLU B 51 12.22 -34.98 -6.49
N HIS B 52 11.43 -33.94 -6.21
CA HIS B 52 10.33 -33.56 -7.09
C HIS B 52 10.19 -32.04 -7.30
N SER B 53 9.57 -31.68 -8.41
CA SER B 53 9.38 -30.29 -8.78
C SER B 53 8.24 -29.66 -7.98
N ASP B 54 8.15 -28.33 -7.99
CA ASP B 54 7.02 -27.63 -7.39
C ASP B 54 5.77 -27.66 -8.30
N LEU B 55 4.61 -27.86 -7.66
CA LEU B 55 3.34 -28.14 -8.32
C LEU B 55 2.80 -27.00 -9.14
N SER B 56 2.56 -27.27 -10.41
CA SER B 56 2.12 -26.23 -11.33
C SER B 56 1.02 -26.73 -12.25
N PHE B 57 0.42 -25.84 -13.02
CA PHE B 57 -0.66 -26.29 -13.87
C PHE B 57 -0.62 -25.77 -15.28
N SER B 58 -1.36 -26.45 -16.14
CA SER B 58 -1.42 -26.11 -17.56
C SER B 58 -2.62 -25.24 -17.84
N LYS B 59 -2.77 -24.82 -19.09
CA LYS B 59 -3.89 -23.98 -19.56
C LYS B 59 -5.29 -24.56 -19.26
N ASP B 60 -5.42 -25.88 -19.19
CA ASP B 60 -6.66 -26.54 -18.76
C ASP B 60 -6.83 -26.78 -17.25
N TRP B 61 -5.97 -26.14 -16.44
CA TRP B 61 -5.87 -26.27 -14.95
C TRP B 61 -5.37 -27.62 -14.43
N SER B 62 -4.93 -28.51 -15.30
CA SER B 62 -4.45 -29.82 -14.85
C SER B 62 -3.02 -29.75 -14.31
N PHE B 63 -2.76 -30.50 -13.24
CA PHE B 63 -1.48 -30.43 -12.57
C PHE B 63 -0.38 -31.20 -13.27
N TYR B 64 0.86 -30.71 -13.16
CA TYR B 64 2.01 -31.51 -13.58
C TYR B 64 3.16 -31.44 -12.56
N LEU B 65 3.89 -32.55 -12.45
CA LEU B 65 4.87 -32.78 -11.40
C LEU B 65 5.98 -33.62 -12.02
N LEU B 66 7.22 -33.20 -11.85
CA LEU B 66 8.32 -34.04 -12.26
C LEU B 66 8.93 -34.64 -11.01
N TYR B 67 9.11 -35.95 -10.98
CA TYR B 67 9.83 -36.64 -9.91
C TYR B 67 11.08 -37.22 -10.54
N TYR B 68 12.21 -37.11 -9.85
CA TYR B 68 13.50 -37.48 -10.43
C TYR B 68 14.57 -37.92 -9.43
N THR B 69 15.38 -38.91 -9.84
CA THR B 69 16.45 -39.46 -9.01
C THR B 69 17.75 -39.66 -9.80
N GLU B 70 18.87 -39.52 -9.11
CA GLU B 70 20.18 -39.78 -9.69
C GLU B 70 20.34 -41.28 -9.77
N PHE B 71 20.73 -41.77 -10.95
CA PHE B 71 20.90 -43.21 -11.16
C PHE B 71 22.05 -43.55 -12.12
N THR B 72 22.38 -44.84 -12.18
CA THR B 72 23.34 -45.35 -13.14
C THR B 72 22.76 -46.63 -13.74
N PRO B 73 22.33 -46.55 -15.02
CA PRO B 73 21.74 -47.70 -15.72
C PRO B 73 22.75 -48.79 -16.03
N THR B 74 22.35 -50.03 -15.75
CA THR B 74 23.09 -51.22 -16.12
C THR B 74 22.17 -52.04 -17.02
N GLU B 75 22.60 -53.22 -17.45
CA GLU B 75 21.75 -54.05 -18.30
C GLU B 75 20.68 -54.83 -17.54
N LYS B 76 20.95 -55.20 -16.28
CA LYS B 76 20.02 -56.05 -15.51
C LYS B 76 19.01 -55.30 -14.62
N ASP B 77 19.41 -54.14 -14.07
CA ASP B 77 18.58 -53.39 -13.14
C ASP B 77 17.35 -52.85 -13.83
N GLU B 78 16.19 -53.14 -13.27
CA GLU B 78 14.91 -52.72 -13.86
C GLU B 78 14.39 -51.52 -13.10
N TYR B 79 13.91 -50.52 -13.86
CA TYR B 79 13.38 -49.30 -13.27
C TYR B 79 11.92 -49.08 -13.64
N ALA B 80 11.17 -48.62 -12.65
CA ALA B 80 9.74 -48.42 -12.82
C ALA B 80 9.35 -47.18 -12.04
N CYS B 81 8.18 -46.63 -12.38
CA CYS B 81 7.59 -45.53 -11.61
C CYS B 81 6.25 -46.02 -11.10
N ARG B 82 5.91 -45.75 -9.85
CA ARG B 82 4.63 -46.22 -9.27
C ARG B 82 3.73 -45.06 -8.94
N VAL B 83 2.55 -45.00 -9.57
CA VAL B 83 1.66 -43.84 -9.45
C VAL B 83 0.31 -44.26 -8.87
N ASN B 84 -0.13 -43.58 -7.80
CA ASN B 84 -1.48 -43.75 -7.25
C ASN B 84 -2.26 -42.42 -7.22
N HIS B 85 -3.54 -42.50 -7.57
CA HIS B 85 -4.43 -41.35 -7.74
C HIS B 85 -5.85 -41.86 -7.53
N VAL B 86 -6.83 -40.97 -7.32
CA VAL B 86 -8.24 -41.41 -7.16
C VAL B 86 -8.88 -42.02 -8.41
N THR B 87 -8.38 -41.65 -9.58
CA THR B 87 -8.95 -42.10 -10.85
C THR B 87 -8.58 -43.55 -11.18
N LEU B 88 -7.44 -43.98 -10.63
CA LEU B 88 -6.94 -45.34 -10.82
C LEU B 88 -7.60 -46.31 -9.88
N SER B 89 -8.05 -47.45 -10.41
CA SER B 89 -8.78 -48.40 -9.59
C SER B 89 -7.85 -49.25 -8.73
N GLN B 90 -6.59 -49.32 -9.14
CA GLN B 90 -5.48 -49.95 -8.41
C GLN B 90 -4.27 -49.11 -8.80
N PRO B 91 -3.15 -49.14 -8.04
CA PRO B 91 -2.00 -48.33 -8.47
C PRO B 91 -1.32 -48.77 -9.79
N LYS B 92 -0.76 -47.78 -10.49
CA LYS B 92 -0.19 -47.94 -11.81
C LYS B 92 1.33 -48.08 -11.75
N ILE B 93 1.86 -49.20 -12.26
CA ILE B 93 3.30 -49.37 -12.46
C ILE B 93 3.65 -49.15 -13.92
N VAL B 94 4.51 -48.18 -14.17
CA VAL B 94 5.02 -47.94 -15.51
C VAL B 94 6.52 -48.20 -15.53
N LYS B 95 6.93 -49.25 -16.24
CA LYS B 95 8.33 -49.62 -16.41
C LYS B 95 9.06 -48.64 -17.31
N TRP B 96 10.33 -48.39 -16.99
CA TRP B 96 11.19 -47.59 -17.84
C TRP B 96 11.58 -48.37 -19.09
N ASP B 97 11.44 -47.72 -20.24
CA ASP B 97 11.86 -48.24 -21.53
C ASP B 97 12.94 -47.26 -21.97
N ARG B 98 14.11 -47.74 -22.35
CA ARG B 98 15.24 -46.84 -22.65
C ARG B 98 15.21 -46.13 -24.01
N ASP B 99 14.54 -46.72 -25.00
CA ASP B 99 14.33 -46.05 -26.29
C ASP B 99 12.89 -45.49 -26.41
N MET B 100 12.42 -44.91 -25.32
CA MET B 100 11.09 -44.27 -25.22
C MET B 100 11.16 -43.03 -24.31
N LEU C 1 7.54 -10.02 -9.66
CA LEU C 1 7.00 -9.42 -8.40
C LEU C 1 5.51 -9.70 -8.32
N LEU C 2 5.02 -10.10 -7.14
CA LEU C 2 3.60 -10.45 -6.99
C LEU C 2 2.66 -9.26 -6.97
N PHE C 3 1.42 -9.52 -7.37
CA PHE C 3 0.31 -8.58 -7.27
C PHE C 3 0.08 -8.27 -5.78
N GLY C 4 -0.22 -7.03 -5.46
CA GLY C 4 -0.22 -6.61 -4.07
C GLY C 4 -1.58 -6.52 -3.41
N TYR C 5 -2.65 -6.76 -4.18
CA TYR C 5 -4.00 -6.52 -3.64
C TYR C 5 -5.01 -7.65 -3.82
N PRO C 6 -4.72 -8.87 -3.27
CA PRO C 6 -5.68 -9.94 -3.53
C PRO C 6 -6.95 -9.83 -2.67
N VAL C 7 -8.11 -10.10 -3.28
CA VAL C 7 -9.41 -9.97 -2.62
C VAL C 7 -10.17 -11.28 -2.62
N TYR C 8 -10.75 -11.61 -1.47
CA TYR C 8 -11.68 -12.74 -1.26
C TYR C 8 -12.74 -12.89 -2.34
N VAL C 9 -13.10 -14.13 -2.61
CA VAL C 9 -14.12 -14.38 -3.61
C VAL C 9 -15.52 -14.18 -3.03
N LYS D 1 15.40 5.49 6.82
CA LYS D 1 14.69 6.68 6.27
C LYS D 1 14.26 6.41 4.82
N GLU D 2 13.18 5.63 4.70
CA GLU D 2 12.76 5.07 3.43
C GLU D 2 12.14 6.08 2.47
N VAL D 3 11.34 7.00 2.99
CA VAL D 3 10.71 8.03 2.17
C VAL D 3 11.30 9.41 2.47
N GLU D 4 12.04 9.93 1.51
CA GLU D 4 12.71 11.22 1.64
C GLU D 4 11.86 12.31 1.00
N GLN D 5 11.56 13.35 1.77
CA GLN D 5 10.69 14.40 1.28
C GLN D 5 11.39 15.76 1.33
N ASN D 6 10.97 16.65 0.41
CA ASN D 6 11.22 18.09 0.42
C ASN D 6 11.23 18.69 1.84
N SER D 7 12.30 19.40 2.17
CA SER D 7 12.56 19.83 3.56
C SER D 7 11.55 20.84 4.13
N GLY D 8 11.46 22.02 3.50
CA GLY D 8 10.48 23.02 3.90
C GLY D 8 11.05 24.14 4.76
N PRO D 9 10.34 25.30 4.83
CA PRO D 9 9.04 25.57 4.23
C PRO D 9 9.08 26.08 2.78
N LEU D 10 8.01 25.80 2.04
CA LEU D 10 7.87 26.23 0.66
C LEU D 10 6.90 27.40 0.65
N SER D 11 7.26 28.46 -0.07
CA SER D 11 6.44 29.66 -0.11
C SER D 11 6.08 30.00 -1.54
N VAL D 12 4.79 29.96 -1.85
CA VAL D 12 4.28 30.36 -3.15
C VAL D 12 3.20 31.42 -2.97
N PRO D 13 3.09 32.37 -3.91
CA PRO D 13 2.01 33.34 -3.87
C PRO D 13 0.73 32.76 -4.45
N GLU D 14 -0.39 33.46 -4.29
CA GLU D 14 -1.65 32.90 -4.76
C GLU D 14 -1.83 32.99 -6.29
N GLY D 15 -2.19 31.84 -6.86
CA GLY D 15 -2.30 31.69 -8.31
C GLY D 15 -1.09 31.00 -8.95
N ALA D 16 -0.08 30.71 -8.13
CA ALA D 16 1.15 30.10 -8.62
C ALA D 16 1.10 28.58 -8.66
N ILE D 17 2.26 27.95 -8.87
CA ILE D 17 2.38 26.50 -8.83
C ILE D 17 3.35 26.06 -7.73
N ALA D 18 2.84 25.28 -6.77
CA ALA D 18 3.68 24.61 -5.78
C ALA D 18 4.00 23.20 -6.23
N SER D 19 5.29 22.91 -6.43
CA SER D 19 5.72 21.57 -6.81
C SER D 19 6.41 20.88 -5.64
N LEU D 20 6.02 19.64 -5.37
CA LEU D 20 6.56 18.89 -4.24
C LEU D 20 7.28 17.63 -4.67
N ASN D 21 8.47 17.42 -4.11
CA ASN D 21 9.28 16.26 -4.44
C ASN D 21 9.17 15.17 -3.38
N CYS D 22 9.28 13.93 -3.84
CA CYS D 22 9.30 12.78 -2.97
C CYS D 22 10.15 11.67 -3.59
N THR D 23 11.00 11.06 -2.77
CA THR D 23 11.92 10.00 -3.19
C THR D 23 11.79 8.81 -2.23
N TYR D 24 11.58 7.61 -2.79
CA TYR D 24 11.41 6.41 -1.98
C TYR D 24 12.48 5.38 -2.33
N SER D 25 12.70 4.41 -1.43
CA SER D 25 13.83 3.49 -1.58
C SER D 25 13.48 2.02 -1.87
N ASP D 26 12.35 1.54 -1.35
CA ASP D 26 11.87 0.18 -1.68
C ASP D 26 11.41 0.14 -3.14
N ARG D 27 12.17 -0.61 -3.92
CA ARG D 27 12.01 -0.73 -5.37
C ARG D 27 10.69 -1.38 -5.78
N GLY D 28 10.20 -2.27 -4.91
CA GLY D 28 8.98 -3.01 -5.16
C GLY D 28 7.71 -2.34 -4.68
N SER D 29 7.78 -1.04 -4.39
CA SER D 29 6.60 -0.26 -4.02
C SER D 29 5.59 -0.19 -5.16
N GLN D 30 4.30 -0.17 -4.81
CA GLN D 30 3.25 -0.31 -5.81
C GLN D 30 2.16 0.75 -5.71
N SER D 31 1.87 1.20 -4.50
CA SER D 31 0.88 2.26 -4.29
C SER D 31 1.45 3.49 -3.59
N PHE D 32 1.03 4.66 -4.07
CA PHE D 32 1.67 5.94 -3.79
C PHE D 32 0.61 6.99 -3.52
N PHE D 33 0.80 7.75 -2.44
CA PHE D 33 -0.23 8.66 -1.91
C PHE D 33 0.30 10.03 -1.56
N TRP D 34 -0.57 11.05 -1.70
CA TRP D 34 -0.30 12.36 -1.11
C TRP D 34 -1.40 12.71 -0.12
N TYR D 35 -0.98 13.08 1.10
CA TYR D 35 -1.90 13.47 2.16
C TYR D 35 -1.75 14.96 2.46
N ARG D 36 -2.88 15.64 2.66
CA ARG D 36 -2.87 17.06 3.10
C ARG D 36 -3.23 17.15 4.59
N GLN D 37 -2.41 17.87 5.36
CA GLN D 37 -2.66 18.03 6.80
C GLN D 37 -2.55 19.48 7.27
N TYR D 38 -3.68 20.05 7.66
CA TYR D 38 -3.69 21.39 8.25
C TYR D 38 -3.25 21.26 9.70
N SER D 39 -2.67 22.35 10.23
CA SER D 39 -2.13 22.39 11.60
C SER D 39 -3.22 22.18 12.65
N GLY D 40 -3.00 21.19 13.51
CA GLY D 40 -3.93 20.91 14.58
C GLY D 40 -4.98 19.87 14.22
N LYS D 41 -4.90 19.30 13.02
CA LYS D 41 -5.81 18.20 12.66
C LYS D 41 -5.21 16.99 11.93
N SER D 42 -6.08 16.13 11.42
CA SER D 42 -5.71 14.84 10.88
C SER D 42 -5.22 14.94 9.45
N PRO D 43 -4.30 14.03 9.05
CA PRO D 43 -3.92 13.96 7.63
C PRO D 43 -5.06 13.43 6.77
N GLU D 44 -5.34 14.17 5.71
CA GLU D 44 -6.48 13.93 4.85
C GLU D 44 -5.94 13.60 3.47
N LEU D 45 -6.43 12.51 2.92
CA LEU D 45 -5.96 12.00 1.63
C LEU D 45 -6.53 12.78 0.46
N ILE D 46 -5.67 13.14 -0.50
CA ILE D 46 -6.09 13.96 -1.65
C ILE D 46 -5.78 13.36 -3.04
N MET D 47 -4.76 12.53 -3.11
CA MET D 47 -4.26 11.95 -4.37
C MET D 47 -3.69 10.56 -4.14
N SER D 48 -4.18 9.59 -4.90
CA SER D 48 -3.55 8.28 -4.97
C SER D 48 -3.11 8.07 -6.41
N ILE D 49 -1.94 7.48 -6.61
CA ILE D 49 -1.45 7.13 -7.95
C ILE D 49 -0.89 5.69 -7.97
N TYR D 50 -1.31 4.90 -8.96
CA TYR D 50 -1.13 3.45 -8.93
C TYR D 50 -0.18 2.88 -9.99
N SER D 51 0.22 3.73 -10.94
CA SER D 51 1.00 3.32 -12.11
C SER D 51 1.74 4.50 -12.72
N ASN D 52 2.83 4.21 -13.41
CA ASN D 52 3.74 5.19 -14.02
C ASN D 52 3.06 6.21 -14.93
N GLY D 53 3.42 7.49 -14.76
CA GLY D 53 2.83 8.57 -15.56
C GLY D 53 2.14 9.62 -14.70
N ASP D 54 1.29 10.44 -15.35
CA ASP D 54 0.61 11.54 -14.66
C ASP D 54 -0.86 11.20 -14.38
N LYS D 55 -1.34 11.62 -13.21
CA LYS D 55 -2.77 11.54 -12.87
C LYS D 55 -3.25 12.91 -12.39
N GLU D 56 -4.31 13.41 -13.02
CA GLU D 56 -4.82 14.74 -12.71
C GLU D 56 -6.18 14.67 -12.03
N ASP D 57 -6.41 15.55 -11.06
CA ASP D 57 -7.68 15.65 -10.34
C ASP D 57 -7.84 17.09 -9.87
N GLY D 58 -8.65 17.84 -10.61
CA GLY D 58 -8.89 19.25 -10.32
C GLY D 58 -7.60 20.04 -10.43
N ARG D 59 -7.23 20.68 -9.32
CA ARG D 59 -6.05 21.54 -9.28
C ARG D 59 -4.78 20.74 -8.97
N PHE D 60 -4.95 19.49 -8.55
CA PHE D 60 -3.82 18.62 -8.24
C PHE D 60 -3.38 17.80 -9.45
N THR D 61 -2.07 17.70 -9.63
CA THR D 61 -1.49 16.78 -10.61
C THR D 61 -0.33 16.06 -9.94
N ALA D 62 -0.35 14.73 -10.01
CA ALA D 62 0.71 13.92 -9.45
C ALA D 62 1.38 13.07 -10.51
N GLN D 63 2.71 13.09 -10.55
CA GLN D 63 3.46 12.21 -11.45
C GLN D 63 4.04 11.06 -10.67
N LEU D 64 4.31 9.96 -11.36
CA LEU D 64 5.06 8.87 -10.80
C LEU D 64 6.11 8.40 -11.80
N ASN D 65 7.35 8.27 -11.32
CA ASN D 65 8.43 7.69 -12.09
C ASN D 65 9.12 6.61 -11.28
N LYS D 66 8.65 5.37 -11.43
CA LYS D 66 9.19 4.19 -10.72
C LYS D 66 10.62 3.80 -11.09
N ALA D 67 11.08 4.24 -12.26
CA ALA D 67 12.43 3.96 -12.74
C ALA D 67 13.49 4.71 -11.94
N SER D 68 13.15 5.92 -11.52
CA SER D 68 14.08 6.76 -10.76
C SER D 68 13.56 7.01 -9.36
N GLN D 69 12.46 6.33 -9.05
CA GLN D 69 11.84 6.25 -7.72
C GLN D 69 11.40 7.61 -7.15
N TYR D 70 10.37 8.18 -7.76
CA TYR D 70 10.02 9.58 -7.57
C TYR D 70 8.52 9.84 -7.67
N VAL D 71 7.94 10.43 -6.62
CA VAL D 71 6.56 10.92 -6.68
C VAL D 71 6.57 12.44 -6.64
N SER D 72 5.64 13.06 -7.35
CA SER D 72 5.52 14.50 -7.32
C SER D 72 4.09 14.91 -7.05
N LEU D 73 3.89 16.17 -6.65
CA LEU D 73 2.57 16.78 -6.57
C LEU D 73 2.64 18.24 -6.97
N LEU D 74 1.85 18.61 -7.97
CA LEU D 74 1.80 19.97 -8.48
C LEU D 74 0.43 20.55 -8.11
N ILE D 75 0.40 21.76 -7.56
CA ILE D 75 -0.86 22.45 -7.25
C ILE D 75 -1.01 23.67 -8.14
N ARG D 76 -1.86 23.54 -9.16
CA ARG D 76 -2.16 24.62 -10.11
C ARG D 76 -3.14 25.58 -9.44
N ASP D 77 -2.98 26.90 -9.69
CA ASP D 77 -3.88 27.97 -9.20
C ASP D 77 -4.07 27.90 -7.66
N SER D 78 -3.02 28.28 -6.93
CA SER D 78 -2.95 28.04 -5.47
C SER D 78 -3.82 28.99 -4.65
N GLN D 79 -4.80 28.42 -3.93
CA GLN D 79 -5.58 29.16 -2.92
C GLN D 79 -4.74 29.31 -1.66
N PRO D 80 -5.04 30.35 -0.82
CA PRO D 80 -4.47 30.42 0.54
C PRO D 80 -4.92 29.30 1.48
N SER D 81 -6.02 28.63 1.15
CA SER D 81 -6.52 27.47 1.90
C SER D 81 -5.81 26.17 1.55
N ASP D 82 -4.69 26.27 0.85
CA ASP D 82 -3.81 25.16 0.58
C ASP D 82 -2.64 25.17 1.57
N SER D 83 -2.61 26.18 2.45
CA SER D 83 -1.58 26.30 3.49
C SER D 83 -1.66 25.17 4.52
N ALA D 84 -0.80 24.18 4.30
CA ALA D 84 -0.80 22.94 5.04
C ALA D 84 0.58 22.31 4.93
N THR D 85 0.80 21.23 5.67
CA THR D 85 1.96 20.40 5.45
C THR D 85 1.54 19.13 4.71
N TYR D 86 2.29 18.80 3.67
CA TYR D 86 1.89 17.76 2.71
C TYR D 86 2.75 16.51 2.83
N LEU D 87 2.12 15.37 3.14
CA LEU D 87 2.80 14.10 3.38
C LEU D 87 2.82 13.18 2.16
N CYS D 88 4.00 12.66 1.86
CA CYS D 88 4.20 11.65 0.83
C CYS D 88 4.14 10.29 1.51
N ALA D 89 3.28 9.41 1.02
CA ALA D 89 3.09 8.08 1.61
C ALA D 89 3.16 6.99 0.54
N VAL D 90 3.75 5.85 0.90
CA VAL D 90 4.20 4.82 -0.06
C VAL D 90 3.98 3.42 0.53
N THR D 91 3.37 2.50 -0.23
CA THR D 91 3.22 1.11 0.24
C THR D 91 3.45 0.09 -0.87
N THR D 92 3.65 -1.17 -0.46
CA THR D 92 3.96 -2.27 -1.36
C THR D 92 2.75 -3.15 -1.65
N ASP D 93 1.90 -3.35 -0.65
CA ASP D 93 0.74 -4.24 -0.76
C ASP D 93 -0.36 -3.99 0.27
N SER D 94 -1.44 -4.78 0.20
CA SER D 94 -2.56 -4.84 1.18
C SER D 94 -2.10 -4.89 2.64
N TRP D 95 -1.01 -5.62 2.88
CA TRP D 95 -0.53 -5.88 4.22
C TRP D 95 0.70 -5.07 4.61
N GLY D 96 1.35 -4.46 3.64
CA GLY D 96 2.52 -3.63 3.89
C GLY D 96 2.18 -2.43 4.72
N LYS D 97 3.07 -2.07 5.65
CA LYS D 97 3.03 -0.81 6.38
C LYS D 97 3.14 0.36 5.40
N LEU D 98 2.42 1.43 5.70
CA LEU D 98 2.50 2.65 4.92
C LEU D 98 3.74 3.41 5.37
N GLN D 99 4.54 3.84 4.40
CA GLN D 99 5.79 4.54 4.66
C GLN D 99 5.63 6.02 4.38
N PHE D 100 5.63 6.82 5.44
CA PHE D 100 5.41 8.26 5.35
C PHE D 100 6.72 9.00 5.31
N GLY D 101 6.73 10.17 4.65
CA GLY D 101 7.87 11.07 4.76
C GLY D 101 7.74 11.99 5.97
N ALA D 102 8.61 12.97 6.08
CA ALA D 102 8.56 13.94 7.16
C ALA D 102 7.45 14.95 6.92
N GLY D 103 7.23 15.26 5.64
CA GLY D 103 6.29 16.30 5.24
C GLY D 103 7.01 17.56 4.84
N THR D 104 6.42 18.29 3.91
CA THR D 104 6.86 19.62 3.53
C THR D 104 5.75 20.63 3.83
N GLN D 105 6.07 21.65 4.63
CA GLN D 105 5.10 22.70 4.91
C GLN D 105 5.03 23.66 3.72
N VAL D 106 3.82 23.82 3.20
CA VAL D 106 3.57 24.75 2.11
C VAL D 106 2.83 25.95 2.67
N VAL D 107 3.35 27.15 2.43
CA VAL D 107 2.68 28.38 2.82
C VAL D 107 2.27 29.14 1.57
N VAL D 108 0.96 29.34 1.40
CA VAL D 108 0.46 30.20 0.33
C VAL D 108 0.20 31.62 0.82
N THR D 109 0.98 32.57 0.31
CA THR D 109 0.84 33.98 0.65
C THR D 109 -0.16 34.68 -0.28
N PRO D 110 -1.09 35.47 0.28
CA PRO D 110 -2.14 36.14 -0.50
C PRO D 110 -1.65 37.32 -1.34
N ASP D 111 -2.44 37.66 -2.36
CA ASP D 111 -2.23 38.83 -3.18
C ASP D 111 -2.74 40.06 -2.43
N ILE D 112 -1.87 41.05 -2.26
CA ILE D 112 -2.31 42.38 -1.87
C ILE D 112 -1.95 43.30 -3.04
N GLN D 113 -2.99 43.89 -3.64
CA GLN D 113 -2.85 44.70 -4.86
C GLN D 113 -2.05 45.97 -4.59
N ASN D 114 -2.37 46.63 -3.47
CA ASN D 114 -1.54 47.71 -2.90
C ASN D 114 -1.67 47.83 -1.37
N PRO D 115 -0.58 47.50 -0.65
CA PRO D 115 -0.62 47.58 0.80
C PRO D 115 -0.20 48.93 1.37
N ASP D 116 -0.67 49.21 2.57
CA ASP D 116 -0.01 50.16 3.46
C ASP D 116 0.14 49.55 4.87
N PRO D 117 1.40 49.30 5.28
CA PRO D 117 1.73 48.75 6.60
C PRO D 117 1.37 49.71 7.73
N ALA D 118 0.79 49.16 8.79
CA ALA D 118 0.26 49.98 9.88
C ALA D 118 0.31 49.28 11.23
N VAL D 119 0.80 50.00 12.24
CA VAL D 119 0.86 49.48 13.61
C VAL D 119 -0.15 50.22 14.50
N TYR D 120 -1.08 49.47 15.09
CA TYR D 120 -2.16 50.03 15.91
C TYR D 120 -2.14 49.54 17.35
N GLN D 121 -2.51 50.42 18.28
CA GLN D 121 -2.63 50.06 19.70
C GLN D 121 -4.11 49.91 20.09
N LEU D 122 -4.43 48.80 20.77
CA LEU D 122 -5.81 48.53 21.16
C LEU D 122 -6.00 48.41 22.67
N ARG D 123 -7.18 48.81 23.15
CA ARG D 123 -7.61 48.62 24.53
C ARG D 123 -9.06 48.13 24.58
N ASP D 124 -9.62 48.04 25.78
CA ASP D 124 -11.05 47.80 25.99
C ASP D 124 -11.49 48.51 27.28
N SER D 125 -12.49 47.96 27.96
CA SER D 125 -12.96 48.53 29.23
C SER D 125 -12.95 47.51 30.38
N LYS D 126 -12.12 46.48 30.25
CA LYS D 126 -12.00 45.40 31.23
C LYS D 126 -11.09 45.74 32.42
N SER D 127 -10.86 44.75 33.28
CA SER D 127 -9.93 44.83 34.38
C SER D 127 -8.55 44.24 34.00
N SER D 128 -8.46 43.76 32.76
CA SER D 128 -7.21 43.21 32.21
C SER D 128 -6.27 44.33 31.80
N ASP D 129 -5.07 44.34 32.38
CA ASP D 129 -4.16 45.48 32.29
C ASP D 129 -2.95 45.24 31.36
N LYS D 130 -3.22 45.24 30.05
CA LYS D 130 -2.17 45.14 29.02
C LYS D 130 -2.53 45.84 27.70
N SER D 131 -1.50 46.32 27.00
CA SER D 131 -1.64 46.90 25.67
C SER D 131 -1.37 45.85 24.61
N VAL D 132 -2.07 45.93 23.49
CA VAL D 132 -1.87 45.02 22.36
C VAL D 132 -1.52 45.82 21.10
N CYS D 133 -0.37 45.49 20.49
CA CYS D 133 0.06 46.12 19.24
C CYS D 133 -0.26 45.26 18.01
N LEU D 134 -1.15 45.77 17.16
CA LEU D 134 -1.55 45.07 15.94
C LEU D 134 -0.83 45.64 14.72
N PHE D 135 0.11 44.86 14.19
CA PHE D 135 0.83 45.19 12.97
C PHE D 135 0.11 44.52 11.78
N THR D 136 -0.49 45.34 10.91
CA THR D 136 -1.40 44.81 9.87
C THR D 136 -1.34 45.54 8.52
N ASP D 137 -2.07 44.96 7.54
CA ASP D 137 -2.22 45.44 6.14
C ASP D 137 -0.91 45.58 5.35
N PHE D 138 0.05 44.70 5.63
CA PHE D 138 1.42 44.87 5.15
C PHE D 138 1.83 43.94 4.00
N ASP D 139 3.07 44.12 3.53
CA ASP D 139 3.65 43.36 2.43
C ASP D 139 3.87 41.89 2.80
N SER D 140 3.55 40.99 1.88
CA SER D 140 3.70 39.54 2.10
C SER D 140 5.15 39.03 2.15
N GLN D 141 6.10 39.87 1.74
CA GLN D 141 7.53 39.61 1.87
C GLN D 141 8.04 39.73 3.32
N THR D 142 7.37 40.58 4.10
CA THR D 142 7.80 40.98 5.44
C THR D 142 7.69 39.86 6.49
N ASN D 143 8.78 39.65 7.23
CA ASN D 143 8.87 38.60 8.25
C ASN D 143 8.49 39.07 9.66
N VAL D 144 8.34 38.11 10.57
CA VAL D 144 8.11 38.38 12.00
C VAL D 144 9.02 37.52 12.89
N SER D 145 9.80 38.20 13.74
CA SER D 145 10.77 37.52 14.61
C SER D 145 10.44 37.77 16.09
N GLN D 146 10.72 36.77 16.93
CA GLN D 146 10.21 36.77 18.31
C GLN D 146 11.20 36.32 19.41
N SER D 147 12.42 36.85 19.36
CA SER D 147 13.42 36.56 20.41
C SER D 147 14.21 37.80 20.82
N LYS D 148 13.59 38.64 21.66
CA LYS D 148 14.21 39.88 22.14
C LYS D 148 14.65 39.73 23.61
N ASP D 149 13.68 39.78 24.51
CA ASP D 149 13.91 39.52 25.93
C ASP D 149 12.87 38.48 26.40
N SER D 150 12.76 38.28 27.71
CA SER D 150 11.81 37.31 28.27
C SER D 150 10.47 37.94 28.70
N ASP D 151 10.13 39.08 28.11
CA ASP D 151 8.94 39.84 28.48
C ASP D 151 7.92 40.02 27.35
N VAL D 152 8.40 40.38 26.16
CA VAL D 152 7.52 40.70 25.03
C VAL D 152 7.22 39.47 24.16
N TYR D 153 5.95 39.08 24.11
CA TYR D 153 5.50 37.92 23.34
C TYR D 153 4.93 38.35 21.99
N ILE D 154 5.60 37.96 20.92
CA ILE D 154 5.17 38.30 19.56
C ILE D 154 4.66 37.04 18.85
N THR D 155 3.49 37.14 18.20
CA THR D 155 2.89 36.03 17.46
C THR D 155 3.46 35.87 16.04
N ASP D 156 2.64 35.28 15.16
CA ASP D 156 3.07 35.00 13.79
C ASP D 156 2.20 35.71 12.75
N LYS D 157 2.63 35.63 11.49
CA LYS D 157 1.90 36.18 10.35
C LYS D 157 0.69 35.31 10.03
N THR D 158 -0.50 35.84 10.29
CA THR D 158 -1.75 35.14 9.97
C THR D 158 -2.55 35.90 8.92
N VAL D 159 -3.30 35.17 8.10
CA VAL D 159 -4.03 35.72 6.97
C VAL D 159 -5.54 35.68 7.22
N LEU D 160 -6.16 36.86 7.28
CA LEU D 160 -7.61 36.94 7.43
C LEU D 160 -8.33 36.97 6.07
N ASP D 161 -9.61 36.63 6.09
CA ASP D 161 -10.37 36.43 4.85
C ASP D 161 -11.73 37.12 4.91
N MET D 162 -11.78 38.34 4.38
CA MET D 162 -13.03 39.07 4.24
C MET D 162 -13.72 38.68 2.94
N ARG D 163 -14.96 38.21 3.05
CA ARG D 163 -15.77 37.85 1.89
C ARG D 163 -16.79 38.94 1.55
N SER D 164 -16.31 40.19 1.53
CA SER D 164 -17.09 41.34 1.12
C SER D 164 -16.54 41.87 -0.22
N MET D 165 -15.23 42.04 -0.28
CA MET D 165 -14.53 42.40 -1.51
C MET D 165 -13.68 41.20 -1.98
N ASP D 166 -12.50 41.06 -1.38
CA ASP D 166 -11.41 40.19 -1.79
C ASP D 166 -10.29 40.58 -0.84
N PHE D 167 -10.65 41.45 0.12
CA PHE D 167 -9.71 42.13 0.99
C PHE D 167 -9.11 41.21 2.05
N LYS D 168 -8.08 40.47 1.64
CA LYS D 168 -7.30 39.63 2.54
C LYS D 168 -6.11 40.46 3.02
N SER D 169 -5.73 40.29 4.29
CA SER D 169 -4.60 41.02 4.84
C SER D 169 -3.81 40.20 5.85
N ASN D 170 -2.52 40.50 5.94
CA ASN D 170 -1.64 39.89 6.93
C ASN D 170 -1.75 40.61 8.26
N SER D 171 -1.56 39.89 9.36
CA SER D 171 -1.62 40.46 10.70
C SER D 171 -0.70 39.76 11.69
N ALA D 172 -0.20 40.53 12.66
CA ALA D 172 0.65 40.02 13.73
C ALA D 172 0.38 40.80 15.01
N VAL D 173 0.44 40.10 16.15
CA VAL D 173 0.09 40.67 17.46
C VAL D 173 1.25 40.54 18.44
N ALA D 174 1.63 41.65 19.07
CA ALA D 174 2.66 41.64 20.12
C ALA D 174 2.17 42.32 21.39
N TRP D 175 2.49 41.73 22.55
CA TRP D 175 2.12 42.30 23.85
C TRP D 175 3.12 41.99 24.98
N SER D 176 2.90 42.66 26.12
CA SER D 176 3.61 42.40 27.37
C SER D 176 2.64 42.72 28.51
N ASN D 177 2.97 42.32 29.75
CA ASN D 177 2.05 42.55 30.88
C ASN D 177 2.36 43.71 31.83
N LYS D 178 3.19 43.46 32.84
CA LYS D 178 3.46 44.45 33.91
C LYS D 178 4.73 45.29 33.64
N SER D 179 4.80 45.85 32.44
CA SER D 179 5.88 46.75 32.02
C SER D 179 5.39 47.67 30.91
N ASP D 180 5.70 48.96 31.01
CA ASP D 180 5.27 49.94 30.01
C ASP D 180 6.18 49.98 28.78
N PHE D 181 5.56 49.88 27.60
CA PHE D 181 6.26 49.83 26.32
C PHE D 181 5.38 50.39 25.20
N ALA D 182 6.01 50.99 24.19
CA ALA D 182 5.29 51.56 23.04
C ALA D 182 5.18 50.54 21.92
N CYS D 183 4.33 50.83 20.93
CA CYS D 183 4.15 49.95 19.77
C CYS D 183 5.19 50.13 18.66
N ALA D 184 6.06 51.12 18.82
CA ALA D 184 7.18 51.35 17.91
C ALA D 184 8.50 50.86 18.50
N ASN D 185 8.44 49.80 19.30
CA ASN D 185 9.60 49.23 19.99
C ASN D 185 9.55 47.70 20.14
N ALA D 186 8.37 47.13 19.89
CA ALA D 186 8.16 45.67 19.97
C ALA D 186 8.46 44.97 18.64
N PHE D 187 8.26 45.70 17.55
CA PHE D 187 8.65 45.26 16.21
C PHE D 187 9.90 46.01 15.75
N ASN D 188 10.72 46.42 16.72
CA ASN D 188 11.96 47.17 16.48
C ASN D 188 13.08 46.30 15.91
N ASN D 189 13.03 45.00 16.21
CA ASN D 189 13.98 44.04 15.67
C ASN D 189 13.64 43.59 14.24
N SER D 190 12.35 43.58 13.90
CA SER D 190 11.88 43.18 12.59
C SER D 190 12.01 44.31 11.56
N ILE D 191 12.49 43.97 10.36
CA ILE D 191 12.67 44.93 9.28
C ILE D 191 11.32 45.31 8.65
N ILE D 192 10.87 46.52 8.97
CA ILE D 192 9.63 47.09 8.46
C ILE D 192 9.97 48.18 7.43
N PRO D 193 9.17 48.29 6.33
CA PRO D 193 9.44 49.27 5.26
C PRO D 193 9.32 50.76 5.64
N GLU D 194 9.68 51.63 4.69
CA GLU D 194 9.81 53.07 4.92
C GLU D 194 8.48 53.86 5.08
N ASP D 195 7.35 53.20 4.81
CA ASP D 195 6.04 53.83 4.91
C ASP D 195 5.08 53.10 5.86
N THR D 196 5.50 52.94 7.12
CA THR D 196 4.67 52.28 8.14
C THR D 196 4.06 53.30 9.11
N PHE D 197 2.73 53.19 9.31
CA PHE D 197 1.97 54.12 10.15
C PHE D 197 2.19 53.92 11.65
N PHE D 198 2.69 54.97 12.32
CA PHE D 198 2.87 54.98 13.77
C PHE D 198 2.04 56.11 14.38
N PRO D 199 1.06 55.76 15.27
CA PRO D 199 -0.04 56.51 15.91
C PRO D 199 -0.12 58.06 15.87
N SER D 200 0.12 58.65 14.70
CA SER D 200 0.08 60.11 14.42
C SER D 200 0.85 61.03 15.40
N ASN E 1 -12.97 10.15 7.07
CA ASN E 1 -13.41 10.51 8.46
C ASN E 1 -14.89 10.29 8.79
N ALA E 2 -15.70 9.99 7.76
CA ALA E 2 -17.04 9.41 7.95
C ALA E 2 -16.94 7.93 8.40
N GLY E 3 -15.80 7.31 8.05
CA GLY E 3 -15.44 5.98 8.52
C GLY E 3 -14.76 5.95 9.87
N VAL E 4 -13.58 6.56 9.96
CA VAL E 4 -12.76 6.48 11.17
C VAL E 4 -13.08 7.57 12.19
N THR E 5 -13.49 7.13 13.38
CA THR E 5 -13.83 8.03 14.48
C THR E 5 -12.93 7.69 15.66
N GLN E 6 -12.57 8.70 16.46
CA GLN E 6 -11.90 8.41 17.74
C GLN E 6 -12.31 9.28 18.92
N THR E 7 -12.34 8.65 20.08
CA THR E 7 -12.75 9.26 21.35
C THR E 7 -11.57 9.10 22.35
N PRO E 8 -11.21 10.17 23.09
CA PRO E 8 -11.74 11.54 23.10
C PRO E 8 -11.01 12.48 22.16
N LYS E 9 -11.46 13.73 22.10
CA LYS E 9 -10.77 14.75 21.32
C LYS E 9 -9.51 15.22 22.08
N PHE E 10 -9.64 15.49 23.37
CA PHE E 10 -8.54 16.02 24.19
C PHE E 10 -8.46 15.32 25.54
N GLN E 11 -7.25 15.23 26.12
CA GLN E 11 -7.05 14.61 27.43
C GLN E 11 -5.83 15.12 28.20
N VAL E 12 -6.04 15.43 29.48
CA VAL E 12 -4.95 15.64 30.41
C VAL E 12 -4.88 14.46 31.36
N LEU E 13 -3.67 13.98 31.62
CA LEU E 13 -3.44 12.99 32.67
C LEU E 13 -2.24 13.36 33.53
N LYS E 14 -2.17 12.81 34.74
CA LYS E 14 -0.94 12.89 35.51
C LYS E 14 -0.16 11.57 35.40
N THR E 15 1.05 11.57 35.93
CA THR E 15 1.96 10.43 35.81
C THR E 15 1.46 9.16 36.52
N GLY E 16 1.22 8.13 35.71
CA GLY E 16 0.80 6.83 36.23
C GLY E 16 -0.67 6.51 36.10
N GLN E 17 -1.45 7.48 35.62
CA GLN E 17 -2.88 7.29 35.36
C GLN E 17 -3.11 6.38 34.15
N SER E 18 -4.21 5.66 34.17
CA SER E 18 -4.59 4.82 33.03
C SER E 18 -5.69 5.48 32.24
N MET E 19 -5.65 5.29 30.93
CA MET E 19 -6.77 5.66 30.06
C MET E 19 -6.78 4.80 28.82
N THR E 20 -7.93 4.74 28.16
CA THR E 20 -8.06 4.07 26.88
C THR E 20 -8.64 5.02 25.81
N LEU E 21 -7.95 5.12 24.68
CA LEU E 21 -8.45 5.89 23.54
C LEU E 21 -9.25 4.98 22.59
N GLN E 22 -10.56 5.18 22.52
CA GLN E 22 -11.46 4.43 21.64
C GLN E 22 -11.19 4.76 20.19
N CYS E 23 -11.12 3.74 19.36
CA CYS E 23 -11.15 3.97 17.92
C CYS E 23 -12.16 3.07 17.24
N ALA E 24 -13.04 3.64 16.42
CA ALA E 24 -14.01 2.84 15.66
C ALA E 24 -13.92 3.11 14.17
N GLN E 25 -14.52 2.23 13.39
CA GLN E 25 -14.42 2.24 11.93
C GLN E 25 -15.63 1.53 11.31
N ASP E 26 -16.09 2.08 10.18
CA ASP E 26 -17.42 1.90 9.62
C ASP E 26 -17.45 1.06 8.35
N MET E 27 -16.28 0.93 7.73
CA MET E 27 -16.15 0.55 6.32
C MET E 27 -15.75 -0.91 6.10
N ASN E 28 -15.94 -1.72 7.15
CA ASN E 28 -15.61 -3.17 7.19
C ASN E 28 -14.17 -3.59 6.92
N HIS E 29 -13.25 -2.70 7.24
CA HIS E 29 -11.82 -2.86 7.01
C HIS E 29 -11.20 -3.87 7.98
N GLU E 30 -10.18 -4.59 7.52
CA GLU E 30 -9.45 -5.53 8.39
C GLU E 30 -8.20 -4.94 9.06
N TYR E 31 -7.55 -3.96 8.43
CA TYR E 31 -6.21 -3.52 8.84
C TYR E 31 -6.25 -2.16 9.56
N MET E 32 -6.08 -2.20 10.88
CA MET E 32 -6.08 -0.97 11.69
C MET E 32 -4.75 -0.71 12.40
N SER E 33 -4.38 0.56 12.52
CA SER E 33 -3.07 0.93 13.07
C SER E 33 -3.21 2.08 14.04
N TRP E 34 -2.30 2.14 15.03
CA TRP E 34 -2.19 3.30 15.91
C TRP E 34 -0.89 4.03 15.65
N TYR E 35 -1.00 5.32 15.41
CA TYR E 35 0.15 6.17 15.18
C TYR E 35 0.20 7.26 16.23
N ARG E 36 1.41 7.63 16.63
CA ARG E 36 1.64 8.86 17.39
C ARG E 36 2.43 9.86 16.56
N GLN E 37 2.14 11.16 16.73
CA GLN E 37 2.77 12.18 15.90
C GLN E 37 3.45 13.22 16.76
N ASP E 38 4.74 13.44 16.48
CA ASP E 38 5.60 14.28 17.32
C ASP E 38 6.55 15.12 16.46
N PRO E 39 6.68 16.44 16.76
CA PRO E 39 7.46 17.48 16.08
C PRO E 39 8.78 17.10 15.39
N GLY E 40 9.61 16.28 16.04
CA GLY E 40 10.89 15.87 15.47
C GLY E 40 10.92 14.49 14.81
N MET E 41 9.89 13.69 15.08
CA MET E 41 9.89 12.26 14.73
C MET E 41 8.93 11.92 13.58
N GLY E 42 8.04 12.85 13.24
CA GLY E 42 7.01 12.64 12.22
C GLY E 42 5.95 11.69 12.73
N LEU E 43 5.42 10.86 11.83
CA LEU E 43 4.45 9.84 12.21
C LEU E 43 5.17 8.55 12.54
N ARG E 44 4.87 7.98 13.72
CA ARG E 44 5.51 6.75 14.17
C ARG E 44 4.47 5.69 14.52
N LEU E 45 4.73 4.43 14.18
CA LEU E 45 3.75 3.36 14.41
C LEU E 45 3.84 2.76 15.82
N ILE E 46 2.72 2.76 16.53
CA ILE E 46 2.64 2.15 17.86
C ILE E 46 2.35 0.64 17.82
N HIS E 47 1.10 0.26 17.49
CA HIS E 47 0.65 -1.14 17.36
C HIS E 47 -0.29 -1.23 16.16
N TYR E 48 -0.41 -2.41 15.57
CA TYR E 48 -1.29 -2.62 14.40
C TYR E 48 -1.94 -4.00 14.35
N SER E 49 -3.05 -4.09 13.62
CA SER E 49 -3.87 -5.31 13.58
C SER E 49 -4.40 -5.58 12.18
N VAL E 50 -4.08 -6.74 11.59
CA VAL E 50 -4.51 -7.07 10.20
C VAL E 50 -5.77 -7.94 10.10
N GLY E 51 -6.44 -8.12 11.23
CA GLY E 51 -7.65 -8.93 11.29
C GLY E 51 -8.19 -8.97 12.70
N ALA E 52 -9.43 -9.43 12.85
CA ALA E 52 -10.03 -9.56 14.17
C ALA E 52 -9.34 -10.67 14.93
N GLY E 53 -9.12 -10.45 16.23
CA GLY E 53 -8.48 -11.43 17.11
C GLY E 53 -7.00 -11.17 17.29
N ILE E 54 -6.36 -10.62 16.26
CA ILE E 54 -4.91 -10.57 16.20
C ILE E 54 -4.34 -9.15 16.20
N THR E 55 -3.20 -8.95 16.84
CA THR E 55 -2.52 -7.65 16.85
C THR E 55 -0.98 -7.82 16.86
N ASP E 56 -0.24 -6.79 16.43
CA ASP E 56 1.23 -6.79 16.50
C ASP E 56 1.83 -5.39 16.71
N GLN E 57 3.03 -5.33 17.27
CA GLN E 57 3.69 -4.08 17.62
C GLN E 57 4.37 -3.34 16.46
N GLY E 58 4.49 -2.01 16.57
CA GLY E 58 5.16 -1.18 15.58
C GLY E 58 6.58 -0.83 16.00
N GLU E 59 6.99 0.41 15.77
CA GLU E 59 8.35 0.82 16.14
C GLU E 59 8.41 1.40 17.54
N VAL E 60 7.30 1.92 18.03
CA VAL E 60 7.25 2.45 19.42
C VAL E 60 6.12 1.87 20.29
N PRO E 61 6.23 0.58 20.67
CA PRO E 61 5.09 0.01 21.40
C PRO E 61 5.11 0.14 22.93
N ASN E 62 6.29 0.47 23.47
CA ASN E 62 6.57 0.48 24.92
CA ASN E 62 6.60 0.49 24.90
C ASN E 62 5.66 1.39 25.71
N GLY E 63 4.96 0.81 26.67
CA GLY E 63 3.99 1.53 27.49
C GLY E 63 2.58 1.63 26.93
N TYR E 64 2.34 0.99 25.78
CA TYR E 64 1.02 0.99 25.20
C TYR E 64 0.46 -0.42 25.10
N ASN E 65 -0.84 -0.48 24.93
CA ASN E 65 -1.55 -1.74 25.00
C ASN E 65 -2.70 -1.77 24.00
N VAL E 66 -3.01 -2.95 23.48
CA VAL E 66 -3.90 -3.03 22.31
C VAL E 66 -4.63 -4.38 22.20
N SER E 67 -5.89 -4.35 21.80
CA SER E 67 -6.67 -5.57 21.53
C SER E 67 -7.63 -5.34 20.35
N ARG E 68 -8.18 -6.42 19.78
CA ARG E 68 -9.07 -6.34 18.62
C ARG E 68 -10.03 -7.54 18.63
N SER E 69 -11.05 -7.49 19.47
CA SER E 69 -12.01 -8.59 19.56
C SER E 69 -13.02 -8.55 18.43
N THR E 70 -13.28 -7.33 17.93
CA THR E 70 -14.19 -7.09 16.83
C THR E 70 -13.46 -6.35 15.72
N THR E 71 -13.99 -6.43 14.49
CA THR E 71 -13.36 -5.79 13.34
C THR E 71 -13.62 -4.26 13.30
N GLU E 72 -14.60 -3.81 14.11
CA GLU E 72 -14.99 -2.41 14.18
C GLU E 72 -14.14 -1.56 15.13
N ASP E 73 -13.77 -2.09 16.29
CA ASP E 73 -13.04 -1.30 17.30
C ASP E 73 -11.58 -1.68 17.52
N PHE E 74 -10.71 -0.69 17.57
CA PHE E 74 -9.29 -0.91 17.88
C PHE E 74 -8.79 0.00 19.02
N PRO E 75 -9.12 -0.33 20.28
CA PRO E 75 -8.73 0.53 21.41
C PRO E 75 -7.26 0.46 21.78
N LEU E 76 -6.66 1.62 22.06
CA LEU E 76 -5.29 1.72 22.63
C LEU E 76 -5.31 2.06 24.13
N ARG E 77 -4.92 1.12 24.99
CA ARG E 77 -4.76 1.47 26.41
C ARG E 77 -3.37 2.01 26.66
N LEU E 78 -3.31 3.04 27.50
CA LEU E 78 -2.09 3.45 28.18
C LEU E 78 -2.25 3.06 29.64
N LEU E 79 -1.35 2.26 30.17
CA LEU E 79 -1.53 1.73 31.54
C LEU E 79 -1.00 2.65 32.64
N SER E 80 0.26 3.01 32.55
CA SER E 80 0.85 3.99 33.45
C SER E 80 1.36 5.11 32.58
N ALA E 81 0.68 6.25 32.61
CA ALA E 81 1.05 7.41 31.81
C ALA E 81 2.37 8.00 32.25
N ALA E 82 3.18 8.34 31.25
CA ALA E 82 4.51 8.88 31.45
C ALA E 82 4.54 10.19 30.65
N PRO E 83 5.35 11.19 31.09
CA PRO E 83 5.37 12.50 30.40
C PRO E 83 5.88 12.50 28.95
N SER E 84 6.51 11.40 28.54
CA SER E 84 7.00 11.21 27.18
C SER E 84 5.91 10.68 26.24
N GLN E 85 4.72 10.41 26.78
CA GLN E 85 3.55 9.98 25.99
C GLN E 85 2.69 11.17 25.54
N THR E 86 3.12 12.38 25.91
CA THR E 86 2.51 13.63 25.45
C THR E 86 2.64 13.78 23.93
N SER E 87 1.51 13.61 23.24
CA SER E 87 1.47 13.57 21.78
C SER E 87 0.05 13.65 21.22
N VAL E 88 -0.01 13.79 19.90
CA VAL E 88 -1.24 13.62 19.15
C VAL E 88 -1.24 12.18 18.69
N TYR E 89 -2.38 11.52 18.82
CA TYR E 89 -2.51 10.11 18.48
C TYR E 89 -3.52 9.90 17.35
N PHE E 90 -3.17 9.12 16.33
CA PHE E 90 -4.09 8.88 15.20
C PHE E 90 -4.46 7.42 15.01
N CYS E 91 -5.76 7.15 15.07
CA CYS E 91 -6.28 5.88 14.58
C CYS E 91 -6.29 5.89 13.06
N ALA E 92 -5.91 4.77 12.45
CA ALA E 92 -5.86 4.68 11.00
C ALA E 92 -6.51 3.39 10.53
N SER E 93 -7.06 3.38 9.32
CA SER E 93 -7.76 2.21 8.82
C SER E 93 -7.49 1.89 7.34
N ARG E 94 -7.36 0.60 7.04
CA ARG E 94 -6.97 0.11 5.72
C ARG E 94 -7.78 -1.16 5.47
N PRO E 95 -8.20 -1.42 4.22
CA PRO E 95 -9.05 -2.58 3.97
C PRO E 95 -8.40 -3.95 4.23
N GLY E 96 -7.12 -4.08 3.85
CA GLY E 96 -6.45 -5.38 3.80
C GLY E 96 -7.00 -6.23 2.67
N LEU E 97 -7.58 -7.37 3.03
CA LEU E 97 -7.88 -8.39 2.04
C LEU E 97 -9.31 -8.34 1.52
N MET E 98 -10.17 -7.54 2.16
CA MET E 98 -11.59 -7.45 1.79
C MET E 98 -11.91 -6.52 0.60
N SER E 99 -10.91 -5.76 0.16
CA SER E 99 -10.99 -4.87 -1.00
C SER E 99 -9.60 -4.60 -1.55
N ALA E 100 -9.53 -4.19 -2.81
CA ALA E 100 -8.26 -3.90 -3.45
C ALA E 100 -7.92 -2.44 -3.40
N GLN E 101 -8.76 -1.61 -2.78
CA GLN E 101 -8.48 -0.20 -2.69
C GLN E 101 -7.32 0.05 -1.68
N PRO E 102 -6.21 0.63 -2.15
CA PRO E 102 -4.96 0.64 -1.40
C PRO E 102 -4.92 1.61 -0.23
N GLU E 103 -5.79 2.61 -0.31
CA GLU E 103 -5.80 3.80 0.55
C GLU E 103 -6.04 3.57 2.03
N GLN E 104 -5.28 4.27 2.87
CA GLN E 104 -5.40 4.25 4.32
C GLN E 104 -6.00 5.56 4.81
N TYR E 105 -7.04 5.48 5.63
CA TYR E 105 -7.76 6.65 6.09
C TYR E 105 -7.55 6.86 7.57
N PHE E 106 -7.43 8.11 7.99
CA PHE E 106 -7.11 8.45 9.38
C PHE E 106 -8.31 8.96 10.17
N GLY E 107 -8.25 8.73 11.49
CA GLY E 107 -9.20 9.28 12.45
C GLY E 107 -8.81 10.70 12.77
N PRO E 108 -9.67 11.45 13.46
CA PRO E 108 -9.45 12.88 13.65
C PRO E 108 -8.41 13.24 14.73
N GLY E 109 -7.99 12.26 15.52
CA GLY E 109 -6.92 12.48 16.47
C GLY E 109 -7.34 12.78 17.89
N THR E 110 -6.49 12.37 18.83
CA THR E 110 -6.64 12.65 20.26
C THR E 110 -5.37 13.37 20.74
N ARG E 111 -5.54 14.59 21.24
CA ARG E 111 -4.43 15.34 21.83
C ARG E 111 -4.27 14.94 23.28
N LEU E 112 -3.12 14.37 23.63
CA LEU E 112 -2.91 13.89 25.00
C LEU E 112 -1.74 14.58 25.66
N THR E 113 -1.96 15.09 26.86
CA THR E 113 -0.91 15.76 27.60
C THR E 113 -0.71 15.15 28.98
N VAL E 114 0.48 14.60 29.19
CA VAL E 114 0.80 13.98 30.46
C VAL E 114 1.75 14.87 31.25
N THR E 115 1.28 15.34 32.40
CA THR E 115 2.07 16.24 33.25
C THR E 115 2.56 15.54 34.52
N GLU E 116 3.57 16.14 35.16
CA GLU E 116 4.18 15.62 36.37
C GLU E 116 3.19 15.64 37.53
N ASP E 117 2.47 16.75 37.67
CA ASP E 117 1.55 16.97 38.78
C ASP E 117 0.36 17.84 38.31
N LEU E 118 -0.82 17.52 38.82
CA LEU E 118 -2.10 18.05 38.33
C LEU E 118 -2.39 19.53 38.62
N LYS E 119 -1.61 20.14 39.51
CA LYS E 119 -1.65 21.57 39.82
C LYS E 119 -1.30 22.49 38.63
N ASN E 120 -0.63 21.93 37.62
CA ASN E 120 -0.25 22.64 36.42
C ASN E 120 -1.40 23.00 35.48
N VAL E 121 -2.57 22.38 35.68
CA VAL E 121 -3.72 22.65 34.83
C VAL E 121 -4.33 24.01 35.16
N PHE E 122 -4.44 24.86 34.14
CA PHE E 122 -4.96 26.21 34.29
C PHE E 122 -5.95 26.53 33.16
N PRO E 123 -7.11 27.13 33.50
CA PRO E 123 -8.05 27.60 32.47
C PRO E 123 -7.57 28.92 31.86
N PRO E 124 -8.09 29.31 30.68
CA PRO E 124 -7.57 30.55 30.14
C PRO E 124 -8.25 31.79 30.72
N GLU E 125 -7.57 32.93 30.56
CA GLU E 125 -8.19 34.22 30.78
C GLU E 125 -8.43 34.87 29.43
N VAL E 126 -9.70 35.14 29.14
CA VAL E 126 -10.10 35.64 27.84
C VAL E 126 -10.38 37.14 27.94
N ALA E 127 -9.84 37.91 26.99
CA ALA E 127 -10.10 39.34 26.88
C ALA E 127 -10.20 39.75 25.40
N VAL E 128 -11.27 40.48 25.05
CA VAL E 128 -11.43 41.00 23.68
C VAL E 128 -10.97 42.44 23.66
N PHE E 129 -10.16 42.79 22.67
CA PHE E 129 -9.71 44.17 22.52
C PHE E 129 -10.44 44.86 21.37
N GLU E 130 -10.95 46.05 21.66
CA GLU E 130 -11.72 46.84 20.71
C GLU E 130 -10.79 47.48 19.67
N PRO E 131 -11.26 47.58 18.39
CA PRO E 131 -10.46 48.14 17.28
C PRO E 131 -10.01 49.58 17.49
N SER E 132 -8.91 49.93 16.81
CA SER E 132 -8.10 51.11 17.11
C SER E 132 -8.77 52.48 16.97
N GLU E 133 -8.14 53.45 17.62
CA GLU E 133 -8.50 54.85 17.52
C GLU E 133 -8.06 55.46 16.17
N ALA E 134 -7.21 54.72 15.45
CA ALA E 134 -6.72 55.14 14.14
C ALA E 134 -7.30 54.33 12.98
N GLU E 135 -7.43 53.02 13.15
CA GLU E 135 -7.79 52.04 12.09
C GLU E 135 -9.12 52.31 11.37
N ILE E 136 -10.13 52.71 12.13
CA ILE E 136 -11.45 53.04 11.60
C ILE E 136 -11.38 54.34 10.77
N SER E 137 -10.56 55.28 11.23
CA SER E 137 -10.35 56.55 10.55
C SER E 137 -9.15 56.54 9.57
N HIS E 138 -8.79 55.35 9.09
CA HIS E 138 -7.68 55.19 8.13
C HIS E 138 -8.00 54.16 7.05
N THR E 139 -8.55 53.02 7.45
CA THR E 139 -8.76 51.89 6.54
C THR E 139 -10.21 51.57 6.24
N GLN E 140 -11.13 52.27 6.95
CA GLN E 140 -12.59 52.00 6.97
C GLN E 140 -12.97 50.57 7.43
N LYS E 141 -12.09 49.94 8.21
CA LYS E 141 -12.26 48.57 8.69
C LYS E 141 -11.93 48.48 10.18
N ALA E 142 -12.48 47.47 10.85
CA ALA E 142 -12.36 47.35 12.30
C ALA E 142 -11.94 45.94 12.77
N THR E 143 -10.75 45.85 13.35
CA THR E 143 -10.19 44.57 13.80
C THR E 143 -10.30 44.37 15.31
N LEU E 144 -11.13 43.41 15.69
CA LEU E 144 -11.23 43.01 17.09
C LEU E 144 -10.26 41.87 17.32
N VAL E 145 -9.25 42.07 18.17
CA VAL E 145 -8.41 40.94 18.56
C VAL E 145 -8.89 40.35 19.88
N CYS E 146 -8.54 39.08 20.11
CA CYS E 146 -8.87 38.40 21.35
C CYS E 146 -7.63 37.76 21.91
N LEU E 147 -7.48 37.80 23.23
CA LEU E 147 -6.40 37.09 23.88
C LEU E 147 -6.96 36.01 24.77
N ALA E 148 -6.46 34.79 24.58
CA ALA E 148 -6.69 33.71 25.51
C ALA E 148 -5.33 33.44 26.11
N THR E 149 -5.22 33.56 27.43
CA THR E 149 -3.91 33.57 28.10
C THR E 149 -3.82 32.70 29.35
N GLY E 150 -2.61 32.19 29.60
CA GLY E 150 -2.27 31.52 30.85
C GLY E 150 -2.87 30.15 31.06
N PHE E 151 -3.06 29.41 29.96
CA PHE E 151 -3.68 28.08 30.03
C PHE E 151 -2.70 26.93 29.82
N TYR E 152 -2.94 25.82 30.53
CA TYR E 152 -2.24 24.56 30.30
C TYR E 152 -3.28 23.46 30.48
N PRO E 153 -3.34 22.51 29.53
CA PRO E 153 -2.51 22.38 28.32
C PRO E 153 -3.08 23.14 27.14
N ASP E 154 -2.45 23.00 25.98
CA ASP E 154 -2.88 23.70 24.77
C ASP E 154 -4.14 23.10 24.13
N HIS E 155 -5.14 22.84 24.96
CA HIS E 155 -6.33 22.13 24.56
C HIS E 155 -7.50 23.09 24.45
N VAL E 156 -7.53 23.84 23.35
CA VAL E 156 -8.50 24.91 23.17
C VAL E 156 -9.21 24.91 21.82
N GLU E 157 -10.41 25.51 21.79
CA GLU E 157 -11.19 25.70 20.56
C GLU E 157 -11.79 27.11 20.58
N LEU E 158 -11.21 28.01 19.78
CA LEU E 158 -11.70 29.39 19.70
C LEU E 158 -12.81 29.55 18.66
N SER E 159 -13.78 30.38 19.01
CA SER E 159 -14.84 30.79 18.09
C SER E 159 -15.30 32.22 18.37
N TRP E 160 -15.64 32.96 17.32
CA TRP E 160 -16.26 34.27 17.46
C TRP E 160 -17.75 34.18 17.24
N TRP E 161 -18.50 34.97 18.01
CA TRP E 161 -19.96 34.94 17.97
C TRP E 161 -20.46 36.37 17.92
N VAL E 162 -21.05 36.78 16.79
CA VAL E 162 -21.70 38.09 16.69
C VAL E 162 -23.22 37.94 16.66
N ASN E 163 -23.88 38.67 17.57
CA ASN E 163 -25.35 38.68 17.78
C ASN E 163 -25.99 37.35 18.16
N GLY E 164 -25.19 36.40 18.64
CA GLY E 164 -25.68 35.08 19.02
C GLY E 164 -25.28 33.98 18.06
N LYS E 165 -24.94 34.34 16.82
CA LYS E 165 -24.56 33.34 15.81
C LYS E 165 -23.05 33.31 15.54
N GLU E 166 -22.53 32.10 15.32
CA GLU E 166 -21.10 31.85 15.12
C GLU E 166 -20.63 32.32 13.74
N VAL E 167 -19.58 33.13 13.71
CA VAL E 167 -18.95 33.52 12.45
C VAL E 167 -17.60 32.87 12.20
N HIS E 168 -17.36 32.57 10.92
CA HIS E 168 -16.08 32.10 10.42
C HIS E 168 -15.68 33.08 9.33
N SER E 169 -16.58 34.00 9.06
CA SER E 169 -16.62 34.78 7.82
C SER E 169 -15.60 35.91 7.67
N GLY E 170 -14.83 36.17 8.72
CA GLY E 170 -13.75 37.16 8.66
C GLY E 170 -12.76 36.98 9.79
N VAL E 171 -12.30 35.75 10.00
CA VAL E 171 -11.43 35.45 11.13
C VAL E 171 -10.09 34.80 10.73
N SER E 172 -9.00 35.28 11.34
CA SER E 172 -7.76 34.52 11.41
C SER E 172 -7.39 34.23 12.87
N THR E 173 -7.61 32.99 13.28
CA THR E 173 -7.15 32.49 14.58
C THR E 173 -5.71 32.04 14.34
N ASP E 174 -4.87 32.11 15.39
CA ASP E 174 -3.54 31.48 15.37
C ASP E 174 -3.69 29.97 15.19
N PRO E 175 -2.86 29.38 14.31
CA PRO E 175 -2.86 27.94 14.06
C PRO E 175 -2.48 27.11 15.29
N GLN E 176 -1.50 27.59 16.06
CA GLN E 176 -1.03 26.88 17.23
C GLN E 176 -0.88 27.85 18.41
N PRO E 177 -1.26 27.41 19.62
CA PRO E 177 -0.94 28.13 20.86
C PRO E 177 0.56 28.22 21.10
N LEU E 178 1.03 29.39 21.53
CA LEU E 178 2.45 29.61 21.81
C LEU E 178 2.72 29.63 23.31
N LYS E 179 3.93 29.26 23.70
CA LYS E 179 4.34 29.18 25.11
C LYS E 179 4.62 30.56 25.68
N GLU E 180 4.25 30.76 26.95
CA GLU E 180 4.46 32.04 27.62
C GLU E 180 5.92 32.19 28.08
N GLN E 181 6.43 31.18 28.78
CA GLN E 181 7.85 31.14 29.12
C GLN E 181 8.47 29.87 28.51
N PRO E 182 9.01 29.97 27.27
CA PRO E 182 9.58 28.82 26.58
C PRO E 182 10.93 28.34 27.14
N ALA E 183 10.87 27.69 28.31
CA ALA E 183 12.03 27.14 29.00
C ALA E 183 11.56 25.98 29.88
N LEU E 184 10.26 25.95 30.17
CA LEU E 184 9.67 24.95 31.06
C LEU E 184 8.75 23.97 30.30
N ASN E 185 8.55 22.79 30.89
CA ASN E 185 7.58 21.82 30.36
C ASN E 185 6.28 21.86 31.16
N ASP E 186 6.31 22.64 32.24
CA ASP E 186 5.13 22.99 33.04
C ASP E 186 4.51 24.28 32.50
N SER E 187 5.20 24.91 31.54
CA SER E 187 4.87 26.21 30.95
C SER E 187 3.48 26.31 30.33
N ARG E 188 2.85 27.45 30.54
CA ARG E 188 1.49 27.67 30.09
C ARG E 188 1.45 28.36 28.74
N TYR E 189 0.25 28.58 28.21
CA TYR E 189 0.09 28.94 26.82
C TYR E 189 -0.75 30.19 26.57
N ALA E 190 -0.54 30.78 25.40
CA ALA E 190 -1.34 31.90 24.91
C ALA E 190 -1.75 31.69 23.45
N LEU E 191 -2.95 32.15 23.11
CA LEU E 191 -3.47 32.04 21.74
C LEU E 191 -4.23 33.32 21.37
N SER E 192 -3.98 33.84 20.18
CA SER E 192 -4.65 35.05 19.71
C SER E 192 -5.49 34.82 18.45
N SER E 193 -6.48 35.69 18.26
CA SER E 193 -7.40 35.61 17.14
C SER E 193 -8.02 36.95 16.80
N ARG E 194 -8.16 37.22 15.50
CA ARG E 194 -8.60 38.53 14.99
C ARG E 194 -9.91 38.43 14.21
N LEU E 195 -10.84 39.35 14.46
CA LEU E 195 -12.08 39.43 13.69
C LEU E 195 -12.24 40.80 13.03
N ARG E 196 -12.35 40.80 11.71
CA ARG E 196 -12.46 42.03 10.97
C ARG E 196 -13.84 42.21 10.33
N VAL E 197 -14.41 43.39 10.56
CA VAL E 197 -15.62 43.83 9.86
C VAL E 197 -15.49 45.31 9.47
N SER E 198 -16.51 45.83 8.80
CA SER E 198 -16.53 47.21 8.32
C SER E 198 -16.77 48.24 9.43
N ALA E 199 -16.74 49.52 9.04
CA ALA E 199 -17.08 50.62 9.95
C ALA E 199 -18.57 50.63 10.25
N THR E 200 -19.40 50.36 9.23
CA THR E 200 -20.87 50.36 9.37
C THR E 200 -21.45 49.04 9.94
N PHE E 201 -20.72 48.43 10.86
CA PHE E 201 -21.15 47.21 11.54
C PHE E 201 -20.54 47.16 12.94
N TRP E 202 -19.35 47.74 13.09
CA TRP E 202 -18.75 47.91 14.41
C TRP E 202 -19.42 49.08 15.15
N GLN E 203 -19.71 50.16 14.41
CA GLN E 203 -20.27 51.37 15.00
C GLN E 203 -21.76 51.28 15.38
N ASP E 204 -22.44 50.26 14.85
CA ASP E 204 -23.82 49.93 15.20
C ASP E 204 -23.87 49.34 16.60
N PRO E 205 -24.54 50.03 17.55
CA PRO E 205 -24.53 49.62 18.96
C PRO E 205 -25.47 48.46 19.33
N ARG E 206 -26.23 47.97 18.36
CA ARG E 206 -27.01 46.75 18.53
C ARG E 206 -26.11 45.51 18.50
N ASN E 207 -24.97 45.65 17.82
CA ASN E 207 -24.06 44.53 17.56
C ASN E 207 -23.17 44.08 18.72
N HIS E 208 -23.34 42.82 19.10
CA HIS E 208 -22.67 42.22 20.26
C HIS E 208 -21.63 41.19 19.82
N PHE E 209 -20.35 41.53 20.01
CA PHE E 209 -19.24 40.65 19.64
C PHE E 209 -18.75 39.86 20.86
N ARG E 210 -18.39 38.60 20.64
CA ARG E 210 -17.91 37.74 21.70
C ARG E 210 -16.90 36.68 21.20
N CYS E 211 -15.68 36.73 21.74
CA CYS E 211 -14.67 35.70 21.51
C CYS E 211 -14.83 34.60 22.57
N GLN E 212 -15.06 33.39 22.11
CA GLN E 212 -15.40 32.25 22.96
C GLN E 212 -14.34 31.19 22.86
N VAL E 213 -13.83 30.76 24.01
CA VAL E 213 -12.75 29.77 24.09
C VAL E 213 -13.23 28.57 24.90
N GLN E 214 -13.21 27.37 24.30
CA GLN E 214 -13.52 26.15 25.05
C GLN E 214 -12.24 25.51 25.58
N PHE E 215 -12.15 25.32 26.89
CA PHE E 215 -11.00 24.68 27.53
C PHE E 215 -11.31 23.24 27.87
N TYR E 216 -10.33 22.35 27.66
CA TYR E 216 -10.46 20.95 28.01
C TYR E 216 -9.45 20.59 29.10
N GLY E 217 -9.94 20.43 30.33
CA GLY E 217 -9.07 20.17 31.47
C GLY E 217 -9.49 18.96 32.28
N LEU E 218 -9.66 19.16 33.57
CA LEU E 218 -10.06 18.12 34.50
C LEU E 218 -11.56 17.82 34.40
N SER E 219 -12.00 16.74 35.04
CA SER E 219 -13.42 16.46 35.15
C SER E 219 -13.83 16.53 36.60
N GLU E 220 -15.14 16.51 36.86
CA GLU E 220 -15.67 16.50 38.23
C GLU E 220 -15.66 15.06 38.77
N ASN E 221 -14.44 14.60 39.06
CA ASN E 221 -14.12 13.19 39.27
C ASN E 221 -12.72 13.09 39.88
N ASP E 222 -11.82 13.96 39.45
CA ASP E 222 -10.45 14.04 39.95
C ASP E 222 -10.41 14.64 41.35
N GLU E 223 -9.45 14.21 42.15
CA GLU E 223 -9.24 14.73 43.51
C GLU E 223 -8.67 16.15 43.46
N TRP E 224 -9.22 17.03 44.28
CA TRP E 224 -8.86 18.46 44.26
C TRP E 224 -8.95 19.10 45.64
N THR E 225 -7.80 19.27 46.28
CA THR E 225 -7.74 19.97 47.57
C THR E 225 -6.79 21.16 47.47
N GLN E 226 -7.11 22.08 46.56
CA GLN E 226 -6.27 23.25 46.35
C GLN E 226 -6.99 24.56 46.62
N ASP E 227 -6.17 25.57 46.94
CA ASP E 227 -6.52 26.99 47.13
C ASP E 227 -7.29 27.63 45.96
N ARG E 228 -6.90 27.22 44.75
CA ARG E 228 -7.42 27.70 43.46
C ARG E 228 -8.82 27.15 43.18
N ALA E 229 -9.52 27.76 42.22
CA ALA E 229 -10.72 27.16 41.65
C ALA E 229 -10.32 26.00 40.74
N LYS E 230 -11.10 24.93 40.79
CA LYS E 230 -10.82 23.67 40.07
C LYS E 230 -10.94 23.82 38.54
N PRO E 231 -9.82 23.59 37.81
CA PRO E 231 -9.72 23.87 36.37
C PRO E 231 -10.39 22.81 35.50
N VAL E 232 -11.71 22.73 35.58
CA VAL E 232 -12.46 21.73 34.83
C VAL E 232 -12.61 22.13 33.37
N THR E 233 -13.10 21.17 32.57
CA THR E 233 -13.49 21.42 31.20
C THR E 233 -14.63 22.43 31.22
N GLN E 234 -14.36 23.59 30.66
CA GLN E 234 -15.23 24.75 30.79
C GLN E 234 -15.08 25.67 29.56
N ILE E 235 -15.98 26.64 29.46
CA ILE E 235 -15.87 27.69 28.46
C ILE E 235 -15.63 29.01 29.18
N VAL E 236 -14.58 29.73 28.78
CA VAL E 236 -14.38 31.10 29.24
C VAL E 236 -14.63 32.02 28.05
N SER E 237 -15.39 33.09 28.26
CA SER E 237 -15.71 34.06 27.21
C SER E 237 -15.52 35.50 27.63
N ALA E 238 -15.27 36.35 26.64
CA ALA E 238 -15.20 37.79 26.86
C ALA E 238 -15.97 38.51 25.75
N GLU E 239 -16.32 39.76 26.00
CA GLU E 239 -17.21 40.50 25.11
C GLU E 239 -16.81 41.95 24.92
N ALA E 240 -17.10 42.45 23.73
CA ALA E 240 -16.99 43.86 23.41
C ALA E 240 -18.30 44.30 22.77
N TRP E 241 -18.55 45.59 22.77
CA TRP E 241 -19.84 46.10 22.32
C TRP E 241 -19.74 47.07 21.16
N GLY E 242 -20.84 47.19 20.42
CA GLY E 242 -20.98 48.18 19.35
C GLY E 242 -20.95 49.59 19.90
N ARG E 243 -20.09 50.42 19.33
CA ARG E 243 -19.79 51.74 19.89
C ARG E 243 -19.64 52.80 18.80
N ALA E 244 -20.43 53.87 18.92
CA ALA E 244 -20.39 55.00 17.98
C ALA E 244 -19.28 55.98 18.33
N ASP E 245 -18.61 56.50 17.30
CA ASP E 245 -17.49 57.42 17.48
C ASP E 245 -17.71 58.72 16.70
#